data_7BUG
#
_entry.id   7BUG
#
_cell.length_a   91.940
_cell.length_b   91.940
_cell.length_c   243.460
_cell.angle_alpha   90.000
_cell.angle_beta   90.000
_cell.angle_gamma   120.000
#
_symmetry.space_group_name_H-M   'P 65'
#
loop_
_entity.id
_entity.type
_entity.pdbx_description
1 polymer 'Terminal oxygenase component of carbazole'
2 non-polymer 'FE2/S2 (INORGANIC) CLUSTER'
3 non-polymer 'FE (II) ION'
4 non-polymer 'MAGNESIUM ION'
5 non-polymer DI(HYDROXYETHYL)ETHER
6 non-polymer 'TRIETHYLENE GLYCOL'
7 non-polymer 'TETRAETHYLENE GLYCOL'
8 non-polymer 'HEXAETHYLENE GLYCOL'
9 non-polymer 'PENTAETHYLENE GLYCOL'
10 non-polymer 'CARBONATE ION'
11 non-polymer 2-METHOXYETHANOL
12 non-polymer 2-(2-METHOXYETHOXY)ETHANOL
13 water water
#
_entity_poly.entity_id   1
_entity_poly.type   'polypeptide(L)'
_entity_poly.pdbx_seq_one_letter_code
;MANVDEAILKRVKGWAPYVDAKLGFRNHWYPVMFSKEINEGEPKTLKLLGENLLVNRIDGKLYCLKDRCLHRGVQLSVKV
ECKTKSTITCWYHAWTYRWEDGVLCDILTNPTSAQIGRQKLKTYPVQEAKGCVFIYLGDGDPPPLARDTPPNFLDDDMEI
LGKNQIIKSNWRLAVENGFDPSHIYIHKDSILVKDNDLALPLGFAPGGDRKQQTRVVDDDVVGRKGVYDLIGEHGVPVFE
GTIGGEVVREGAYGEKIVANDISIWLPGVLKVNPFPNPDMMQFEWYVPIDENTHYYFQTLGKPCANDEERKKYEQEFESK
WKPMALEGFNNDDIWAREAMVDFYADDKGWVNEILFESDEAIVAWRKLASEHNQGIQTQAHVSGLEHHHHHH
;
_entity_poly.pdbx_strand_id   A,B,C
#
loop_
_chem_comp.id
_chem_comp.type
_chem_comp.name
_chem_comp.formula
1PE non-polymer 'PENTAETHYLENE GLYCOL' 'C10 H22 O6'
CO3 non-polymer 'CARBONATE ION' 'C O3 -2'
FE2 non-polymer 'FE (II) ION' 'Fe 2'
FES non-polymer 'FE2/S2 (INORGANIC) CLUSTER' 'Fe2 S2'
MG non-polymer 'MAGNESIUM ION' 'Mg 2'
MXE non-polymer 2-METHOXYETHANOL 'C3 H8 O2'
P6G non-polymer 'HEXAETHYLENE GLYCOL' 'C12 H26 O7'
PEG non-polymer DI(HYDROXYETHYL)ETHER 'C4 H10 O3'
PG0 non-polymer 2-(2-METHOXYETHOXY)ETHANOL 'C5 H12 O3'
PG4 non-polymer 'TETRAETHYLENE GLYCOL' 'C8 H18 O5'
PGE non-polymer 'TRIETHYLENE GLYCOL' 'C6 H14 O4'
#
# COMPACT_ATOMS: atom_id res chain seq x y z
N ALA A 2 -15.59 -18.99 1.89
CA ALA A 2 -15.75 -17.92 0.82
C ALA A 2 -14.70 -16.80 0.92
N ASN A 3 -14.13 -16.53 2.10
CA ASN A 3 -13.26 -15.33 2.30
C ASN A 3 -11.81 -15.73 2.64
N VAL A 4 -11.61 -16.93 3.15
CA VAL A 4 -10.34 -17.39 3.76
C VAL A 4 -9.88 -18.65 3.01
N ASP A 5 -8.56 -18.80 2.86
CA ASP A 5 -7.95 -20.02 2.26
C ASP A 5 -8.64 -21.25 2.84
N GLU A 6 -9.14 -22.13 1.98
CA GLU A 6 -9.74 -23.43 2.41
C GLU A 6 -8.75 -24.19 3.30
N ALA A 7 -7.46 -24.09 3.01
CA ALA A 7 -6.43 -24.84 3.79
C ALA A 7 -6.40 -24.39 5.25
N ILE A 8 -6.66 -23.11 5.52
CA ILE A 8 -6.84 -22.61 6.92
C ILE A 8 -8.17 -23.07 7.50
N LEU A 9 -9.26 -23.02 6.73
CA LEU A 9 -10.59 -23.38 7.26
C LEU A 9 -10.60 -24.86 7.70
N LYS A 10 -9.84 -25.74 7.02
CA LYS A 10 -9.75 -27.19 7.37
C LYS A 10 -9.04 -27.40 8.71
N ARG A 11 -8.30 -26.40 9.18
CA ARG A 11 -7.53 -26.46 10.43
C ARG A 11 -8.31 -25.80 11.57
N VAL A 12 -9.51 -25.25 11.32
CA VAL A 12 -10.29 -24.57 12.40
C VAL A 12 -11.70 -25.13 12.43
N LYS A 13 -11.82 -26.45 12.49
CA LYS A 13 -13.12 -27.12 12.31
C LYS A 13 -14.06 -26.92 13.50
N GLY A 14 -13.58 -26.44 14.64
CA GLY A 14 -14.46 -26.07 15.78
C GLY A 14 -15.37 -24.88 15.45
N TRP A 15 -15.00 -24.03 14.47
CA TRP A 15 -15.60 -22.68 14.30
C TRP A 15 -15.19 -22.08 12.95
N ALA A 16 -15.23 -22.86 11.88
CA ALA A 16 -14.73 -22.44 10.55
C ALA A 16 -15.58 -21.31 9.99
N PRO A 17 -16.93 -21.29 10.14
CA PRO A 17 -17.71 -20.18 9.57
C PRO A 17 -17.33 -18.83 10.20
N TYR A 18 -17.06 -18.86 11.48
CA TYR A 18 -16.61 -17.62 12.22
C TYR A 18 -15.28 -17.14 11.64
N VAL A 19 -14.33 -18.04 11.41
CA VAL A 19 -13.02 -17.66 10.80
C VAL A 19 -13.23 -17.15 9.37
N ASP A 20 -14.24 -17.66 8.65
CA ASP A 20 -14.50 -17.17 7.30
C ASP A 20 -15.11 -15.76 7.33
N ALA A 21 -15.72 -15.37 8.44
CA ALA A 21 -16.59 -14.16 8.51
C ALA A 21 -15.77 -12.87 8.71
N LYS A 22 -14.77 -12.65 7.86
CA LYS A 22 -13.86 -11.50 7.90
C LYS A 22 -14.63 -10.18 7.73
N LEU A 23 -15.71 -10.18 6.95
CA LEU A 23 -16.54 -8.98 6.70
C LEU A 23 -17.78 -8.92 7.60
N GLY A 24 -17.94 -9.84 8.56
CA GLY A 24 -19.11 -9.90 9.42
C GLY A 24 -20.22 -10.76 8.85
N PHE A 25 -21.33 -10.75 9.54
CA PHE A 25 -22.50 -11.59 9.25
C PHE A 25 -23.57 -10.73 8.57
N ARG A 26 -23.98 -11.18 7.39
CA ARG A 26 -25.10 -10.57 6.67
C ARG A 26 -26.41 -10.97 7.35
N ASN A 27 -27.47 -10.21 7.11
CA ASN A 27 -28.84 -10.48 7.57
C ASN A 27 -28.94 -10.30 9.09
N HIS A 28 -28.27 -9.27 9.65
CA HIS A 28 -28.47 -8.79 11.02
C HIS A 28 -28.57 -7.26 11.01
N TRP A 29 -29.14 -6.75 12.06
CA TRP A 29 -29.18 -5.32 12.41
C TRP A 29 -27.83 -4.93 13.01
N TYR A 30 -27.37 -3.75 12.60
CA TYR A 30 -26.16 -3.13 13.18
C TYR A 30 -26.38 -1.64 13.46
N PRO A 31 -25.90 -1.15 14.60
CA PRO A 31 -25.89 0.29 14.86
C PRO A 31 -24.75 0.98 14.14
N VAL A 32 -25.00 2.17 13.60
CA VAL A 32 -23.93 2.85 12.81
C VAL A 32 -23.73 4.29 13.24
N MET A 33 -24.70 4.89 13.91
CA MET A 33 -24.58 6.30 14.34
C MET A 33 -25.72 6.59 15.30
N PHE A 34 -25.67 7.75 15.93
CA PHE A 34 -26.75 8.20 16.86
C PHE A 34 -27.76 9.03 16.08
N SER A 35 -29.02 8.90 16.47
CA SER A 35 -30.15 9.61 15.86
C SER A 35 -29.83 11.11 15.73
N LYS A 36 -29.20 11.68 16.74
CA LYS A 36 -28.97 13.17 16.82
C LYS A 36 -27.92 13.55 15.78
N GLU A 37 -27.22 12.59 15.20
CA GLU A 37 -26.12 12.89 14.25
C GLU A 37 -26.63 13.01 12.84
N ILE A 38 -27.90 12.67 12.59
CA ILE A 38 -28.49 12.74 11.23
C ILE A 38 -29.72 13.64 11.30
N ASN A 39 -29.58 14.82 10.72
CA ASN A 39 -30.62 15.87 10.68
C ASN A 39 -31.48 15.65 9.44
N GLU A 40 -32.68 16.22 9.49
CA GLU A 40 -33.60 16.30 8.34
C GLU A 40 -32.84 16.74 7.07
N GLY A 41 -32.96 15.96 6.01
CA GLY A 41 -32.45 16.27 4.68
C GLY A 41 -30.95 16.46 4.63
N GLU A 42 -30.19 15.88 5.58
CA GLU A 42 -28.70 15.92 5.55
C GLU A 42 -28.18 14.49 5.37
N PRO A 43 -28.16 13.91 4.17
CA PRO A 43 -27.70 12.53 3.98
C PRO A 43 -26.29 12.35 4.52
N LYS A 44 -26.02 11.16 5.06
CA LYS A 44 -24.70 10.80 5.65
C LYS A 44 -24.22 9.54 4.95
N THR A 45 -22.91 9.43 4.72
CA THR A 45 -22.28 8.25 4.09
C THR A 45 -21.64 7.42 5.18
N LEU A 46 -21.66 6.12 5.00
CA LEU A 46 -20.89 5.25 5.90
C LEU A 46 -20.64 3.95 5.15
N LYS A 47 -19.71 3.17 5.66
CA LYS A 47 -19.42 1.83 5.11
C LYS A 47 -19.76 0.79 6.18
N LEU A 48 -20.54 -0.22 5.81
CA LEU A 48 -21.03 -1.27 6.71
C LEU A 48 -20.88 -2.62 6.01
N LEU A 49 -20.17 -3.55 6.64
CA LEU A 49 -19.95 -4.89 6.02
C LEU A 49 -19.32 -4.72 4.64
N GLY A 50 -18.53 -3.67 4.45
CA GLY A 50 -17.79 -3.40 3.21
C GLY A 50 -18.56 -2.64 2.19
N GLU A 51 -19.84 -2.36 2.43
CA GLU A 51 -20.71 -1.68 1.47
C GLU A 51 -20.88 -0.20 1.86
N ASN A 52 -20.74 0.66 0.85
CA ASN A 52 -20.93 2.12 1.07
C ASN A 52 -22.44 2.38 1.02
N LEU A 53 -22.96 3.03 2.06
CA LEU A 53 -24.38 3.32 2.19
C LEU A 53 -24.61 4.81 2.40
N LEU A 54 -25.80 5.23 2.01
CA LEU A 54 -26.28 6.60 2.29
C LEU A 54 -27.49 6.50 3.18
N VAL A 55 -27.52 7.30 4.21
CA VAL A 55 -28.70 7.39 5.12
C VAL A 55 -29.22 8.81 5.04
N ASN A 56 -30.54 8.95 4.95
CA ASN A 56 -31.18 10.27 4.95
C ASN A 56 -32.37 10.28 5.91
N ARG A 57 -32.68 11.44 6.45
CA ARG A 57 -33.88 11.63 7.29
C ARG A 57 -34.85 12.48 6.48
N ILE A 58 -36.05 11.99 6.25
CA ILE A 58 -37.02 12.68 5.37
C ILE A 58 -38.34 12.65 6.17
N ASP A 59 -38.81 13.84 6.49
CA ASP A 59 -40.01 14.01 7.37
C ASP A 59 -39.84 13.16 8.63
N GLY A 60 -38.62 13.12 9.16
CA GLY A 60 -38.29 12.47 10.44
C GLY A 60 -37.96 11.00 10.28
N LYS A 61 -38.22 10.38 9.13
CA LYS A 61 -38.08 8.92 8.92
C LYS A 61 -36.71 8.69 8.26
N LEU A 62 -36.05 7.62 8.68
CA LEU A 62 -34.75 7.28 8.08
C LEU A 62 -34.91 6.32 6.90
N TYR A 63 -34.05 6.54 5.89
CA TYR A 63 -34.02 5.69 4.69
C TYR A 63 -32.55 5.40 4.37
N CYS A 64 -32.29 4.24 3.79
CA CYS A 64 -30.92 3.80 3.47
C CYS A 64 -30.89 3.30 2.04
N LEU A 65 -30.02 3.89 1.20
CA LEU A 65 -29.76 3.49 -0.20
C LEU A 65 -28.31 3.09 -0.30
N LYS A 66 -28.02 2.13 -1.13
CA LYS A 66 -26.60 1.84 -1.44
C LYS A 66 -26.00 3.09 -2.09
N ASP A 67 -24.83 3.49 -1.63
CA ASP A 67 -24.12 4.67 -2.17
C ASP A 67 -23.28 4.23 -3.36
N ARG A 68 -23.92 3.77 -4.43
CA ARG A 68 -23.22 3.25 -5.64
C ARG A 68 -24.24 3.34 -6.77
N CYS A 69 -24.10 4.33 -7.64
CA CYS A 69 -25.01 4.49 -8.79
C CYS A 69 -25.06 3.20 -9.64
N LEU A 70 -26.24 2.82 -10.11
CA LEU A 70 -26.40 1.64 -11.02
C LEU A 70 -25.69 1.84 -12.35
N HIS A 71 -25.49 3.07 -12.78
CA HIS A 71 -25.01 3.40 -14.15
C HIS A 71 -23.49 3.12 -14.24
N ARG A 72 -22.67 4.03 -13.69
CA ARG A 72 -21.18 3.92 -13.77
C ARG A 72 -20.58 3.67 -12.39
N GLY A 73 -21.36 3.38 -11.37
CA GLY A 73 -20.87 2.91 -10.07
C GLY A 73 -20.16 3.94 -9.24
N VAL A 74 -20.44 5.20 -9.47
CA VAL A 74 -19.91 6.27 -8.61
C VAL A 74 -20.65 6.30 -7.28
N GLN A 75 -20.01 6.80 -6.24
CA GLN A 75 -20.74 7.19 -4.99
C GLN A 75 -21.56 8.46 -5.30
N LEU A 76 -22.85 8.39 -5.07
CA LEU A 76 -23.72 9.58 -5.19
C LEU A 76 -23.23 10.62 -4.17
N SER A 77 -22.66 10.19 -3.05
CA SER A 77 -22.24 11.11 -1.97
C SER A 77 -21.09 12.03 -2.36
N VAL A 78 -20.41 11.77 -3.46
CA VAL A 78 -19.33 12.68 -3.94
C VAL A 78 -19.92 14.08 -4.17
N LYS A 79 -21.17 14.13 -4.56
CA LYS A 79 -21.88 15.42 -4.72
C LYS A 79 -23.37 15.14 -4.60
N VAL A 80 -23.89 15.32 -3.41
CA VAL A 80 -25.30 14.96 -3.14
C VAL A 80 -26.21 15.98 -3.82
N GLU A 81 -27.16 15.51 -4.61
CA GLU A 81 -28.20 16.34 -5.25
C GLU A 81 -29.55 15.78 -4.85
N CYS A 82 -30.18 16.30 -3.81
CA CYS A 82 -31.56 15.86 -3.48
C CYS A 82 -32.48 16.94 -3.99
N LYS A 83 -33.12 16.69 -5.13
CA LYS A 83 -33.81 17.78 -5.85
C LYS A 83 -35.29 17.78 -5.50
N THR A 84 -35.81 16.65 -5.01
CA THR A 84 -37.12 16.58 -4.33
C THR A 84 -36.93 15.89 -2.99
N LYS A 85 -37.88 16.08 -2.06
CA LYS A 85 -37.85 15.47 -0.71
C LYS A 85 -37.66 13.96 -0.85
N SER A 86 -38.34 13.34 -1.80
CA SER A 86 -38.45 11.87 -1.89
C SER A 86 -37.33 11.22 -2.69
N THR A 87 -36.44 12.02 -3.29
CA THR A 87 -35.49 11.43 -4.26
C THR A 87 -34.05 11.89 -4.02
N ILE A 88 -33.14 11.19 -4.66
CA ILE A 88 -31.74 11.70 -4.83
C ILE A 88 -31.38 11.52 -6.30
N THR A 89 -30.64 12.48 -6.84
CA THR A 89 -30.23 12.50 -8.25
C THR A 89 -28.71 12.30 -8.28
N CYS A 90 -28.25 11.28 -8.97
CA CYS A 90 -26.78 11.12 -9.14
C CYS A 90 -26.25 12.38 -9.81
N TRP A 91 -25.11 12.85 -9.36
CA TRP A 91 -24.47 14.07 -9.88
C TRP A 91 -23.90 13.88 -11.29
N TYR A 92 -23.76 12.65 -11.77
CA TYR A 92 -22.99 12.43 -13.00
C TYR A 92 -23.93 12.55 -14.22
N HIS A 93 -24.91 11.67 -14.32
CA HIS A 93 -25.86 11.68 -15.47
C HIS A 93 -27.29 11.81 -14.96
N ALA A 94 -27.45 12.15 -13.70
CA ALA A 94 -28.78 12.51 -13.15
C ALA A 94 -29.77 11.35 -13.16
N TRP A 95 -29.31 10.11 -13.07
CA TRP A 95 -30.21 9.01 -12.67
C TRP A 95 -30.77 9.31 -11.30
N THR A 96 -32.10 9.29 -11.15
CA THR A 96 -32.81 9.73 -9.95
C THR A 96 -33.54 8.55 -9.31
N TYR A 97 -33.33 8.37 -8.00
CA TYR A 97 -33.82 7.21 -7.23
C TYR A 97 -34.75 7.69 -6.11
N ARG A 98 -35.80 6.91 -5.89
CA ARG A 98 -36.64 7.12 -4.69
C ARG A 98 -35.94 6.55 -3.45
N TRP A 99 -35.85 7.31 -2.37
CA TRP A 99 -35.36 6.79 -1.09
C TRP A 99 -36.22 5.61 -0.64
N GLU A 100 -37.54 5.66 -0.83
CA GLU A 100 -38.42 4.68 -0.14
C GLU A 100 -38.24 3.28 -0.70
N ASP A 101 -37.96 3.09 -2.00
CA ASP A 101 -37.87 1.75 -2.58
C ASP A 101 -36.69 1.57 -3.54
N GLY A 102 -35.89 2.60 -3.71
CA GLY A 102 -34.70 2.60 -4.59
C GLY A 102 -35.01 2.61 -6.08
N VAL A 103 -36.27 2.75 -6.47
CA VAL A 103 -36.62 2.66 -7.89
C VAL A 103 -36.06 3.85 -8.64
N LEU A 104 -35.48 3.53 -9.77
CA LEU A 104 -35.03 4.54 -10.76
C LEU A 104 -36.29 5.18 -11.35
N CYS A 105 -36.62 6.38 -10.91
CA CYS A 105 -37.95 6.97 -11.24
C CYS A 105 -37.82 8.01 -12.35
N ASP A 106 -36.63 8.53 -12.62
CA ASP A 106 -36.43 9.65 -13.57
C ASP A 106 -34.96 9.62 -13.97
N ILE A 107 -34.67 10.11 -15.16
CA ILE A 107 -33.26 10.42 -15.53
C ILE A 107 -33.21 11.79 -16.19
N LEU A 108 -32.63 12.79 -15.54
CA LEU A 108 -32.76 14.18 -16.04
C LEU A 108 -32.13 14.33 -17.41
N THR A 109 -31.04 13.61 -17.69
CA THR A 109 -30.31 13.70 -18.97
C THR A 109 -31.02 12.96 -20.10
N ASN A 110 -32.04 12.16 -19.83
CA ASN A 110 -32.78 11.43 -20.88
C ASN A 110 -34.11 10.97 -20.34
N PRO A 111 -35.14 11.85 -20.36
CA PRO A 111 -36.43 11.48 -19.80
C PRO A 111 -37.19 10.40 -20.60
N THR A 112 -36.66 10.01 -21.73
CA THR A 112 -37.24 8.93 -22.57
C THR A 112 -36.55 7.61 -22.37
N SER A 113 -35.56 7.54 -21.48
CA SER A 113 -34.82 6.29 -21.32
C SER A 113 -35.72 5.09 -21.03
N ALA A 114 -35.38 3.97 -21.63
CA ALA A 114 -36.01 2.66 -21.36
C ALA A 114 -35.63 2.17 -19.95
N GLN A 115 -34.57 2.72 -19.33
CA GLN A 115 -34.20 2.26 -17.97
C GLN A 115 -35.18 2.75 -16.89
N ILE A 116 -35.87 3.86 -17.12
CA ILE A 116 -36.76 4.50 -16.12
C ILE A 116 -37.86 3.51 -15.73
N GLY A 117 -38.06 3.34 -14.44
CA GLY A 117 -39.02 2.38 -13.86
C GLY A 117 -38.63 0.92 -13.98
N ARG A 118 -37.45 0.55 -14.51
CA ARG A 118 -37.07 -0.83 -14.84
C ARG A 118 -35.79 -1.25 -14.09
N GLN A 119 -35.31 -0.39 -13.20
CA GLN A 119 -34.11 -0.63 -12.38
C GLN A 119 -34.41 -0.15 -10.95
N LYS A 120 -33.73 -0.77 -10.00
CA LYS A 120 -33.87 -0.48 -8.55
CA LYS A 120 -33.81 -0.29 -8.60
C LYS A 120 -32.47 -0.49 -7.91
N LEU A 121 -32.12 0.54 -7.18
CA LEU A 121 -30.92 0.58 -6.34
C LEU A 121 -31.23 -0.13 -5.04
N LYS A 122 -30.29 -0.89 -4.52
CA LYS A 122 -30.47 -1.63 -3.27
C LYS A 122 -30.79 -0.67 -2.13
N THR A 123 -31.79 -1.03 -1.33
CA THR A 123 -32.13 -0.32 -0.10
C THR A 123 -31.95 -1.32 1.03
N TYR A 124 -31.76 -0.79 2.21
CA TYR A 124 -31.70 -1.55 3.45
C TYR A 124 -32.69 -0.95 4.43
N PRO A 125 -33.36 -1.80 5.22
CA PRO A 125 -34.19 -1.31 6.31
C PRO A 125 -33.38 -0.52 7.34
N VAL A 126 -33.97 0.52 7.90
CA VAL A 126 -33.36 1.39 8.95
C VAL A 126 -34.38 1.64 10.02
N GLN A 127 -33.95 1.54 11.28
CA GLN A 127 -34.84 1.75 12.46
C GLN A 127 -34.04 2.61 13.43
N GLU A 128 -34.70 3.50 14.15
CA GLU A 128 -34.07 4.19 15.30
C GLU A 128 -34.66 3.63 16.57
N ALA A 129 -33.85 3.28 17.55
CA ALA A 129 -34.30 2.83 18.86
C ALA A 129 -33.30 3.34 19.89
N LYS A 130 -33.78 3.95 20.94
CA LYS A 130 -32.92 4.44 22.07
CA LYS A 130 -32.92 4.44 22.07
C LYS A 130 -31.89 5.46 21.56
N GLY A 131 -32.26 6.29 20.58
CA GLY A 131 -31.39 7.30 20.00
C GLY A 131 -30.24 6.71 19.22
N CYS A 132 -30.35 5.43 18.81
CA CYS A 132 -29.32 4.74 17.98
C CYS A 132 -29.92 4.38 16.62
N VAL A 133 -29.12 4.52 15.56
CA VAL A 133 -29.58 4.20 14.20
C VAL A 133 -29.08 2.80 13.85
N PHE A 134 -30.02 1.89 13.56
CA PHE A 134 -29.68 0.50 13.18
C PHE A 134 -30.04 0.28 11.72
N ILE A 135 -29.13 -0.34 10.97
CA ILE A 135 -29.39 -0.76 9.57
C ILE A 135 -29.43 -2.28 9.54
N TYR A 136 -30.42 -2.83 8.87
CA TYR A 136 -30.49 -4.28 8.62
C TYR A 136 -29.70 -4.55 7.36
N LEU A 137 -28.44 -4.95 7.50
CA LEU A 137 -27.59 -5.22 6.32
C LEU A 137 -27.90 -6.65 5.86
N GLY A 138 -28.98 -6.77 5.13
CA GLY A 138 -29.47 -8.07 4.68
C GLY A 138 -30.57 -7.90 3.69
N ASP A 139 -31.08 -9.05 3.28
CA ASP A 139 -32.00 -9.19 2.14
C ASP A 139 -33.32 -9.71 2.67
N GLY A 140 -34.42 -9.28 2.10
CA GLY A 140 -35.74 -9.78 2.53
C GLY A 140 -36.24 -9.08 3.78
N ASP A 141 -37.32 -9.60 4.34
CA ASP A 141 -38.06 -9.01 5.48
CA ASP A 141 -38.00 -8.89 5.45
C ASP A 141 -37.16 -9.09 6.70
N PRO A 142 -36.86 -7.98 7.39
CA PRO A 142 -36.00 -8.09 8.56
C PRO A 142 -36.75 -8.70 9.74
N PRO A 143 -36.00 -9.31 10.68
CA PRO A 143 -36.53 -9.74 11.96
C PRO A 143 -36.76 -8.53 12.86
N PRO A 144 -37.43 -8.72 14.01
CA PRO A 144 -37.47 -7.66 15.01
C PRO A 144 -36.03 -7.26 15.38
N LEU A 145 -35.85 -5.98 15.67
CA LEU A 145 -34.56 -5.46 16.18
C LEU A 145 -34.18 -6.17 17.47
N ALA A 146 -35.13 -6.50 18.36
CA ALA A 146 -34.81 -7.23 19.61
C ALA A 146 -33.97 -8.49 19.37
N ARG A 147 -34.11 -9.20 18.25
CA ARG A 147 -33.33 -10.43 17.98
C ARG A 147 -31.82 -10.13 18.09
N ASP A 148 -31.42 -8.93 17.66
CA ASP A 148 -29.99 -8.59 17.45
C ASP A 148 -29.58 -7.55 18.48
N THR A 149 -30.23 -7.51 19.63
CA THR A 149 -29.89 -6.55 20.71
C THR A 149 -29.86 -7.34 21.99
N PRO A 150 -29.00 -6.99 22.94
CA PRO A 150 -28.92 -7.76 24.16
C PRO A 150 -30.20 -7.57 24.97
N PRO A 151 -30.50 -8.48 25.89
CA PRO A 151 -31.65 -8.28 26.78
C PRO A 151 -31.53 -6.93 27.54
N ASN A 152 -32.68 -6.27 27.72
CA ASN A 152 -32.90 -5.01 28.49
C ASN A 152 -32.54 -3.78 27.67
N PHE A 153 -31.81 -3.89 26.55
CA PHE A 153 -31.42 -2.70 25.78
C PHE A 153 -32.65 -1.93 25.35
N LEU A 154 -33.72 -2.63 24.96
CA LEU A 154 -34.97 -1.98 24.47
C LEU A 154 -36.02 -1.80 25.59
N ASP A 155 -35.70 -2.05 26.85
CA ASP A 155 -36.69 -1.80 27.95
C ASP A 155 -37.24 -0.39 27.80
N ASP A 156 -38.55 -0.19 28.02
CA ASP A 156 -39.20 1.14 27.94
C ASP A 156 -38.39 2.18 28.74
N ASP A 157 -37.95 1.84 29.95
CA ASP A 157 -37.40 2.86 30.89
C ASP A 157 -35.87 2.96 30.77
N MET A 158 -35.24 2.15 29.93
CA MET A 158 -33.77 2.16 29.78
C MET A 158 -33.34 3.37 28.94
N GLU A 159 -32.59 4.30 29.55
CA GLU A 159 -32.03 5.47 28.86
CA GLU A 159 -32.01 5.49 28.90
C GLU A 159 -30.63 5.09 28.39
N ILE A 160 -30.42 5.29 27.11
CA ILE A 160 -29.15 4.93 26.44
C ILE A 160 -28.42 6.21 26.06
N LEU A 161 -27.13 6.24 26.39
CA LEU A 161 -26.24 7.34 25.98
C LEU A 161 -24.96 6.68 25.49
N GLY A 162 -24.25 7.31 24.56
CA GLY A 162 -23.09 6.59 24.05
C GLY A 162 -22.06 7.42 23.35
N LYS A 163 -21.14 6.69 22.74
CA LYS A 163 -20.04 7.23 21.94
C LYS A 163 -19.73 6.23 20.82
N ASN A 164 -19.32 6.71 19.67
CA ASN A 164 -19.00 5.86 18.49
C ASN A 164 -17.65 6.35 17.96
N GLN A 165 -16.81 5.43 17.54
CA GLN A 165 -15.59 5.81 16.79
C GLN A 165 -15.17 4.67 15.89
N ILE A 166 -14.30 4.98 14.97
CA ILE A 166 -13.79 4.01 13.97
C ILE A 166 -12.44 3.53 14.49
N ILE A 167 -12.28 2.22 14.55
CA ILE A 167 -11.08 1.56 15.11
C ILE A 167 -10.49 0.66 14.04
N LYS A 168 -9.16 0.72 13.89
CA LYS A 168 -8.49 -0.09 12.85
C LYS A 168 -8.12 -1.48 13.38
N SER A 169 -9.12 -2.33 13.65
CA SER A 169 -8.91 -3.76 13.80
C SER A 169 -10.13 -4.44 13.20
N ASN A 170 -9.94 -5.67 12.78
CA ASN A 170 -11.10 -6.50 12.40
C ASN A 170 -12.07 -6.56 13.59
N TRP A 171 -13.36 -6.64 13.30
CA TRP A 171 -14.42 -6.68 14.30
C TRP A 171 -14.24 -7.85 15.26
N ARG A 172 -13.79 -9.01 14.81
CA ARG A 172 -13.73 -10.19 15.71
C ARG A 172 -12.66 -10.01 16.79
N LEU A 173 -11.60 -9.30 16.45
CA LEU A 173 -10.55 -9.05 17.50
C LEU A 173 -11.16 -8.17 18.60
N ALA A 174 -12.07 -7.26 18.24
CA ALA A 174 -12.79 -6.39 19.17
C ALA A 174 -13.77 -7.20 20.04
N VAL A 175 -14.57 -8.08 19.39
CA VAL A 175 -15.54 -8.93 20.13
C VAL A 175 -14.79 -9.76 21.16
N GLU A 176 -13.69 -10.38 20.74
CA GLU A 176 -12.98 -11.34 21.61
C GLU A 176 -12.35 -10.59 22.76
N ASN A 177 -11.78 -9.43 22.48
CA ASN A 177 -11.22 -8.54 23.54
C ASN A 177 -12.32 -8.18 24.53
N GLY A 178 -13.52 -7.88 24.04
CA GLY A 178 -14.62 -7.52 24.94
C GLY A 178 -15.01 -8.67 25.87
N PHE A 179 -15.15 -9.87 25.31
CA PHE A 179 -15.74 -11.02 26.02
C PHE A 179 -14.66 -11.85 26.73
N ASP A 180 -13.42 -11.42 26.66
CA ASP A 180 -12.29 -12.24 27.19
C ASP A 180 -12.19 -12.10 28.70
N PRO A 181 -12.42 -13.15 29.51
CA PRO A 181 -12.45 -12.95 30.95
C PRO A 181 -11.11 -12.50 31.55
N SER A 182 -10.00 -12.94 30.97
CA SER A 182 -8.65 -12.64 31.56
C SER A 182 -8.03 -11.32 31.07
N HIS A 183 -8.60 -10.66 30.06
CA HIS A 183 -8.03 -9.44 29.47
C HIS A 183 -8.08 -8.32 30.50
N ILE A 184 -8.91 -8.43 31.56
CA ILE A 184 -9.09 -7.33 32.54
C ILE A 184 -7.77 -6.97 33.25
N TYR A 185 -6.76 -7.80 33.11
CA TYR A 185 -5.36 -7.47 33.48
C TYR A 185 -4.95 -6.11 32.89
N ILE A 186 -5.35 -5.80 31.64
CA ILE A 186 -4.95 -4.53 31.00
C ILE A 186 -5.58 -3.31 31.68
N HIS A 187 -6.66 -3.50 32.47
CA HIS A 187 -7.43 -2.39 33.06
C HIS A 187 -6.98 -2.10 34.51
N LYS A 188 -5.93 -2.79 34.97
CA LYS A 188 -5.51 -2.76 36.40
C LYS A 188 -5.08 -1.34 36.81
N ASP A 189 -4.64 -0.50 35.91
CA ASP A 189 -4.20 0.89 36.23
C ASP A 189 -5.22 1.92 35.77
N SER A 190 -6.46 1.53 35.40
CA SER A 190 -7.45 2.51 34.90
C SER A 190 -7.83 3.51 35.99
N ILE A 191 -8.00 4.78 35.60
CA ILE A 191 -8.53 5.88 36.46
C ILE A 191 -9.89 5.45 37.00
N LEU A 192 -10.70 4.72 36.19
CA LEU A 192 -12.09 4.35 36.61
C LEU A 192 -11.98 3.45 37.84
N VAL A 193 -11.08 2.47 37.80
CA VAL A 193 -10.92 1.44 38.87
C VAL A 193 -10.52 2.19 40.17
N LYS A 194 -9.68 3.22 40.07
CA LYS A 194 -9.22 4.00 41.27
C LYS A 194 -10.33 4.94 41.73
N ASP A 195 -10.77 5.86 40.87
CA ASP A 195 -11.70 6.95 41.24
C ASP A 195 -13.13 6.46 41.45
N ASN A 196 -13.52 5.29 40.90
CA ASN A 196 -14.88 4.73 41.17
C ASN A 196 -14.78 3.51 42.07
N ASP A 197 -13.59 3.20 42.60
CA ASP A 197 -13.49 2.29 43.76
C ASP A 197 -13.91 0.86 43.39
N LEU A 198 -13.62 0.40 42.17
CA LEU A 198 -14.11 -0.93 41.71
C LEU A 198 -13.28 -2.06 42.32
N ALA A 199 -13.94 -3.13 42.72
CA ALA A 199 -13.29 -4.46 42.85
C ALA A 199 -12.92 -4.88 41.43
N LEU A 200 -11.64 -4.96 41.11
CA LEU A 200 -11.26 -5.54 39.79
C LEU A 200 -10.12 -6.49 40.05
N PRO A 201 -10.34 -7.81 39.93
CA PRO A 201 -9.23 -8.76 40.03
C PRO A 201 -8.36 -8.70 38.77
N LEU A 202 -7.15 -9.26 38.85
CA LEU A 202 -6.23 -9.44 37.71
C LEU A 202 -6.83 -10.46 36.75
N GLY A 203 -7.56 -11.43 37.29
CA GLY A 203 -8.15 -12.56 36.55
C GLY A 203 -8.87 -13.51 37.50
N PHE A 204 -9.01 -14.77 37.09
CA PHE A 204 -9.80 -15.82 37.78
C PHE A 204 -9.11 -17.16 37.61
N ALA A 205 -8.95 -17.90 38.70
CA ALA A 205 -8.65 -19.35 38.61
C ALA A 205 -10.00 -20.04 38.40
N PRO A 206 -10.24 -20.69 37.25
CA PRO A 206 -11.54 -21.30 36.94
C PRO A 206 -11.89 -22.47 37.87
N GLY A 207 -13.15 -22.58 38.30
CA GLY A 207 -13.65 -23.76 39.05
C GLY A 207 -14.79 -24.46 38.32
N GLY A 208 -15.02 -25.74 38.62
CA GLY A 208 -16.11 -26.57 38.03
C GLY A 208 -15.65 -27.26 36.76
N ASP A 209 -16.57 -27.80 35.97
CA ASP A 209 -16.23 -28.48 34.68
C ASP A 209 -16.30 -27.43 33.55
N ARG A 210 -15.76 -27.81 32.40
CA ARG A 210 -15.69 -26.98 31.18
C ARG A 210 -17.10 -26.47 30.86
N LYS A 211 -18.11 -27.35 30.92
CA LYS A 211 -19.48 -27.06 30.43
C LYS A 211 -20.15 -26.00 31.33
N GLN A 212 -19.67 -25.80 32.57
CA GLN A 212 -20.20 -24.80 33.54
C GLN A 212 -19.54 -23.42 33.42
N GLN A 213 -18.54 -23.25 32.56
CA GLN A 213 -17.83 -21.94 32.47
C GLN A 213 -18.65 -20.95 31.65
N THR A 214 -19.60 -21.45 30.85
CA THR A 214 -20.47 -20.59 30.00
C THR A 214 -21.92 -21.07 30.03
N ARG A 215 -22.85 -20.21 29.64
CA ARG A 215 -24.25 -20.61 29.36
C ARG A 215 -24.58 -20.05 28.00
N VAL A 216 -24.85 -20.95 27.05
CA VAL A 216 -25.33 -20.59 25.70
C VAL A 216 -26.82 -20.26 25.79
N VAL A 217 -27.25 -19.16 25.20
CA VAL A 217 -28.69 -18.80 25.05
C VAL A 217 -29.04 -18.97 23.57
N ASP A 218 -29.74 -20.07 23.22
CA ASP A 218 -30.10 -20.39 21.81
C ASP A 218 -31.59 -20.72 21.74
N ASP A 219 -32.30 -20.36 22.80
CA ASP A 219 -33.71 -20.68 23.12
C ASP A 219 -34.35 -19.41 23.69
N ASP A 220 -33.79 -18.24 23.36
CA ASP A 220 -34.45 -16.94 23.67
C ASP A 220 -35.61 -16.78 22.68
N VAL A 221 -36.76 -16.31 23.17
CA VAL A 221 -38.09 -16.44 22.47
C VAL A 221 -38.27 -15.35 21.40
N VAL A 222 -37.36 -14.37 21.31
CA VAL A 222 -37.33 -13.41 20.18
C VAL A 222 -36.18 -13.79 19.25
N GLY A 223 -35.50 -14.93 19.49
CA GLY A 223 -34.49 -15.49 18.58
C GLY A 223 -33.08 -14.98 18.88
N ARG A 224 -32.90 -14.29 20.00
CA ARG A 224 -31.55 -13.79 20.40
C ARG A 224 -30.60 -14.97 20.58
N LYS A 225 -29.33 -14.80 20.25
CA LYS A 225 -28.35 -15.89 20.38
C LYS A 225 -27.14 -15.30 21.11
N GLY A 226 -26.77 -15.87 22.26
CA GLY A 226 -25.60 -15.34 22.97
C GLY A 226 -24.98 -16.32 23.93
N VAL A 227 -23.96 -15.85 24.62
CA VAL A 227 -23.17 -16.65 25.59
C VAL A 227 -22.96 -15.79 26.82
N TYR A 228 -23.24 -16.33 28.01
CA TYR A 228 -22.84 -15.71 29.28
C TYR A 228 -21.51 -16.33 29.71
N ASP A 229 -20.65 -15.45 30.23
CA ASP A 229 -19.33 -15.77 30.85
C ASP A 229 -19.62 -16.05 32.34
N LEU A 230 -19.52 -17.31 32.72
CA LEU A 230 -19.79 -17.75 34.12
C LEU A 230 -18.48 -18.09 34.83
N ILE A 231 -17.33 -17.56 34.37
CA ILE A 231 -16.03 -17.86 35.04
C ILE A 231 -16.10 -17.38 36.49
N GLY A 232 -16.66 -16.19 36.79
CA GLY A 232 -16.80 -15.64 38.16
C GLY A 232 -17.75 -16.44 39.07
N GLU A 233 -18.55 -17.36 38.53
CA GLU A 233 -19.58 -18.07 39.33
C GLU A 233 -18.92 -19.08 40.26
N HIS A 234 -18.11 -19.99 39.70
CA HIS A 234 -17.39 -21.04 40.46
C HIS A 234 -15.87 -20.78 40.45
N GLY A 235 -15.40 -19.69 39.82
CA GLY A 235 -13.96 -19.35 39.77
C GLY A 235 -13.49 -18.52 40.95
N VAL A 236 -12.20 -18.58 41.27
CA VAL A 236 -11.62 -17.78 42.38
C VAL A 236 -10.98 -16.55 41.76
N PRO A 237 -11.39 -15.32 42.16
CA PRO A 237 -10.77 -14.12 41.62
C PRO A 237 -9.31 -14.05 42.12
N VAL A 238 -8.41 -13.62 41.24
CA VAL A 238 -6.94 -13.44 41.52
C VAL A 238 -6.72 -11.95 41.84
N PHE A 239 -6.45 -11.59 43.10
CA PHE A 239 -6.04 -10.22 43.47
C PHE A 239 -4.54 -10.12 43.74
N GLU A 240 -3.82 -11.23 43.95
CA GLU A 240 -2.35 -11.18 44.19
C GLU A 240 -1.64 -11.92 43.06
N GLY A 241 -1.06 -11.15 42.14
CA GLY A 241 -0.24 -11.70 41.05
C GLY A 241 1.15 -12.08 41.54
N THR A 242 1.54 -13.32 41.31
CA THR A 242 2.81 -13.92 41.79
C THR A 242 3.66 -14.37 40.61
N ILE A 243 4.97 -14.14 40.71
CA ILE A 243 5.98 -14.81 39.86
C ILE A 243 6.91 -15.61 40.80
N GLY A 244 7.14 -16.90 40.56
CA GLY A 244 7.96 -17.75 41.44
C GLY A 244 7.52 -17.60 42.89
N GLY A 245 6.21 -17.44 43.14
CA GLY A 245 5.65 -17.39 44.50
C GLY A 245 5.70 -16.01 45.17
N GLU A 246 6.41 -15.04 44.60
N GLU A 246 6.34 -15.02 44.54
CA GLU A 246 6.47 -13.66 45.15
CA GLU A 246 6.51 -13.65 45.10
C GLU A 246 5.30 -12.86 44.55
C GLU A 246 5.41 -12.74 44.51
N VAL A 247 4.70 -11.99 45.36
CA VAL A 247 3.67 -11.02 44.89
C VAL A 247 4.38 -9.88 44.16
N VAL A 248 4.04 -9.69 42.89
CA VAL A 248 4.60 -8.59 42.02
C VAL A 248 3.50 -7.57 41.68
N ARG A 249 2.23 -7.96 41.81
CA ARG A 249 1.12 -7.06 41.44
C ARG A 249 -0.14 -7.44 42.22
N GLU A 250 -0.88 -6.42 42.61
CA GLU A 250 -2.19 -6.62 43.29
C GLU A 250 -3.30 -6.10 42.38
N GLY A 251 -4.46 -6.76 42.43
CA GLY A 251 -5.71 -6.31 41.82
C GLY A 251 -6.24 -5.09 42.54
N ALA A 252 -7.42 -4.62 42.14
CA ALA A 252 -8.01 -3.35 42.61
C ALA A 252 -8.90 -3.64 43.82
N TYR A 253 -8.44 -3.22 45.00
CA TYR A 253 -9.11 -3.46 46.30
C TYR A 253 -10.03 -2.26 46.57
N GLY A 254 -11.23 -2.32 45.97
CA GLY A 254 -12.33 -1.35 46.12
C GLY A 254 -13.60 -2.05 46.56
N GLU A 255 -14.68 -1.30 46.81
CA GLU A 255 -15.91 -1.81 47.45
C GLU A 255 -16.97 -2.15 46.38
N LYS A 256 -16.99 -1.44 45.24
CA LYS A 256 -18.10 -1.47 44.24
C LYS A 256 -17.95 -2.75 43.42
N ILE A 257 -18.87 -3.68 43.60
CA ILE A 257 -18.98 -4.93 42.79
C ILE A 257 -19.64 -4.58 41.45
N VAL A 258 -18.96 -4.86 40.34
CA VAL A 258 -19.48 -4.61 38.97
C VAL A 258 -19.29 -5.88 38.14
N ALA A 259 -19.94 -5.92 36.97
CA ALA A 259 -19.74 -6.95 35.95
C ALA A 259 -20.05 -8.36 36.46
N ASN A 260 -21.12 -8.52 37.24
CA ASN A 260 -21.63 -9.85 37.68
C ASN A 260 -22.15 -10.63 36.47
N ASP A 261 -22.80 -9.97 35.51
CA ASP A 261 -23.37 -10.63 34.31
C ASP A 261 -22.67 -10.06 33.07
N ILE A 262 -21.99 -10.92 32.34
CA ILE A 262 -21.24 -10.53 31.12
C ILE A 262 -21.74 -11.46 30.02
N SER A 263 -22.21 -10.91 28.92
CA SER A 263 -22.71 -11.77 27.83
C SER A 263 -22.38 -11.13 26.48
N ILE A 264 -22.16 -12.00 25.50
CA ILE A 264 -21.93 -11.57 24.11
C ILE A 264 -23.08 -12.13 23.27
N TRP A 265 -23.55 -11.33 22.33
CA TRP A 265 -24.75 -11.67 21.50
C TRP A 265 -24.39 -11.49 20.03
N LEU A 266 -24.90 -12.37 19.17
CA LEU A 266 -24.95 -12.06 17.72
C LEU A 266 -25.76 -10.77 17.54
N PRO A 267 -25.36 -9.91 16.58
CA PRO A 267 -24.21 -10.16 15.69
C PRO A 267 -22.80 -9.80 16.19
N GLY A 268 -22.71 -9.26 17.39
CA GLY A 268 -21.41 -8.88 17.98
C GLY A 268 -21.60 -7.71 18.91
N VAL A 269 -22.28 -7.96 20.03
CA VAL A 269 -22.62 -6.92 21.00
C VAL A 269 -22.48 -7.53 22.39
N LEU A 270 -21.71 -6.84 23.22
CA LEU A 270 -21.40 -7.22 24.61
C LEU A 270 -22.34 -6.46 25.54
N LYS A 271 -22.81 -7.16 26.57
CA LYS A 271 -23.56 -6.58 27.71
C LYS A 271 -22.81 -6.88 28.99
N VAL A 272 -22.53 -5.82 29.75
CA VAL A 272 -21.86 -5.96 31.07
C VAL A 272 -22.73 -5.27 32.10
N ASN A 273 -23.17 -6.06 33.07
CA ASN A 273 -24.19 -5.62 34.05
C ASN A 273 -23.75 -6.01 35.45
N PRO A 274 -23.63 -5.06 36.39
CA PRO A 274 -23.67 -3.63 36.12
C PRO A 274 -22.27 -3.12 35.73
N PHE A 275 -22.21 -1.99 35.06
CA PHE A 275 -20.95 -1.33 34.66
C PHE A 275 -21.26 0.01 34.04
N PRO A 276 -20.47 1.10 34.23
CA PRO A 276 -19.26 1.13 35.10
C PRO A 276 -19.55 1.48 36.57
N ASN A 277 -20.83 1.48 36.92
CA ASN A 277 -21.36 1.75 38.29
C ASN A 277 -22.48 0.77 38.57
N PRO A 278 -22.78 0.43 39.86
CA PRO A 278 -23.78 -0.61 40.14
C PRO A 278 -25.20 -0.33 39.64
N ASP A 279 -25.52 0.91 39.23
CA ASP A 279 -26.87 1.38 38.85
C ASP A 279 -27.00 1.44 37.32
N MET A 280 -25.97 1.02 36.59
CA MET A 280 -26.05 1.15 35.12
C MET A 280 -25.46 -0.09 34.44
N MET A 281 -25.64 -0.19 33.12
CA MET A 281 -25.05 -1.32 32.38
C MET A 281 -24.42 -0.83 31.08
N GLN A 282 -23.48 -1.62 30.58
CA GLN A 282 -22.78 -1.23 29.35
C GLN A 282 -23.18 -2.16 28.21
N PHE A 283 -23.56 -1.61 27.07
CA PHE A 283 -23.79 -2.41 25.86
C PHE A 283 -22.87 -1.85 24.78
N GLU A 284 -22.03 -2.69 24.18
CA GLU A 284 -21.11 -2.17 23.17
C GLU A 284 -21.08 -3.13 21.98
N TRP A 285 -21.15 -2.53 20.80
CA TRP A 285 -21.09 -3.25 19.52
C TRP A 285 -19.70 -3.08 18.92
N TYR A 286 -19.33 -4.05 18.12
CA TYR A 286 -18.13 -4.05 17.28
C TYR A 286 -18.60 -4.30 15.85
N VAL A 287 -18.85 -3.23 15.16
CA VAL A 287 -19.58 -3.30 13.86
C VAL A 287 -18.57 -3.36 12.73
N PRO A 288 -18.64 -4.39 11.86
CA PRO A 288 -17.69 -4.51 10.77
C PRO A 288 -17.90 -3.42 9.72
N ILE A 289 -16.82 -2.68 9.46
CA ILE A 289 -16.78 -1.66 8.37
C ILE A 289 -16.17 -2.27 7.13
N ASP A 290 -15.03 -2.93 7.29
CA ASP A 290 -14.38 -3.69 6.21
C ASP A 290 -13.49 -4.71 6.92
N GLU A 291 -12.62 -5.42 6.21
CA GLU A 291 -11.85 -6.53 6.81
C GLU A 291 -10.96 -6.01 7.92
N ASN A 292 -10.62 -4.72 7.89
CA ASN A 292 -9.56 -4.13 8.75
C ASN A 292 -10.09 -3.18 9.82
N THR A 293 -11.40 -2.88 9.86
CA THR A 293 -11.93 -1.69 10.56
C THR A 293 -13.30 -2.02 11.17
N HIS A 294 -13.60 -1.45 12.31
CA HIS A 294 -14.92 -1.60 12.96
C HIS A 294 -15.36 -0.24 13.51
N TYR A 295 -16.66 -0.10 13.66
CA TYR A 295 -17.21 0.92 14.59
C TYR A 295 -17.23 0.32 16.00
N TYR A 296 -16.69 1.03 16.97
CA TYR A 296 -16.77 0.68 18.39
C TYR A 296 -17.89 1.54 18.95
N PHE A 297 -19.07 0.93 18.98
CA PHE A 297 -20.32 1.65 19.24
C PHE A 297 -20.70 1.38 20.69
N GLN A 298 -20.35 2.33 21.56
CA GLN A 298 -20.37 2.10 23.03
C GLN A 298 -21.64 2.78 23.58
N THR A 299 -22.40 2.09 24.43
CA THR A 299 -23.58 2.68 25.10
C THR A 299 -23.58 2.31 26.58
N LEU A 300 -24.07 3.23 27.41
CA LEU A 300 -24.38 2.96 28.81
C LEU A 300 -25.88 3.17 28.98
N GLY A 301 -26.48 2.23 29.66
CA GLY A 301 -27.92 2.29 29.94
C GLY A 301 -28.20 2.44 31.41
N LYS A 302 -29.20 3.26 31.74
CA LYS A 302 -29.68 3.35 33.14
C LYS A 302 -31.19 3.50 33.09
N PRO A 303 -31.95 2.68 33.82
CA PRO A 303 -33.38 2.95 33.99
C PRO A 303 -33.59 4.35 34.56
N CYS A 304 -34.45 5.10 33.90
CA CYS A 304 -34.85 6.48 34.28
C CYS A 304 -36.37 6.57 34.14
N ALA A 305 -37.05 6.98 35.20
CA ALA A 305 -38.52 6.92 35.32
C ALA A 305 -39.15 8.14 34.65
N ASN A 306 -38.43 9.24 34.56
CA ASN A 306 -39.04 10.51 34.08
C ASN A 306 -37.95 11.44 33.59
N ASP A 307 -38.34 12.60 33.03
CA ASP A 307 -37.41 13.56 32.38
C ASP A 307 -36.36 14.02 33.38
N GLU A 308 -36.69 14.02 34.68
CA GLU A 308 -35.80 14.54 35.75
C GLU A 308 -34.63 13.55 35.97
N GLU A 309 -34.93 12.27 36.13
CA GLU A 309 -33.92 11.17 36.21
C GLU A 309 -33.10 11.12 34.90
N ARG A 310 -33.75 11.30 33.74
CA ARG A 310 -33.03 11.27 32.45
C ARG A 310 -32.01 12.41 32.44
N LYS A 311 -32.39 13.59 32.92
CA LYS A 311 -31.50 14.80 32.88
C LYS A 311 -30.30 14.58 33.82
N LYS A 312 -30.55 14.03 35.00
CA LYS A 312 -29.54 13.71 36.03
C LYS A 312 -28.55 12.66 35.46
N TYR A 313 -29.08 11.67 34.74
CA TYR A 313 -28.22 10.65 34.08
C TYR A 313 -27.39 11.34 32.98
N GLU A 314 -27.98 12.15 32.11
CA GLU A 314 -27.26 12.85 31.02
C GLU A 314 -26.10 13.68 31.61
N GLN A 315 -26.32 14.32 32.75
CA GLN A 315 -25.31 15.20 33.36
C GLN A 315 -24.17 14.33 33.91
N GLU A 316 -24.49 13.23 34.57
CA GLU A 316 -23.44 12.31 35.10
C GLU A 316 -22.70 11.66 33.92
N PHE A 317 -23.42 11.28 32.86
CA PHE A 317 -22.74 10.69 31.66
C PHE A 317 -21.67 11.65 31.15
N GLU A 318 -22.03 12.91 30.92
CA GLU A 318 -21.13 13.90 30.27
C GLU A 318 -19.96 14.20 31.22
N SER A 319 -20.24 14.30 32.50
CA SER A 319 -19.29 14.84 33.51
C SER A 319 -18.39 13.71 34.00
N LYS A 320 -18.88 12.47 34.04
CA LYS A 320 -18.14 11.40 34.73
C LYS A 320 -18.04 10.16 33.83
N TRP A 321 -19.15 9.55 33.42
CA TRP A 321 -19.05 8.15 32.93
C TRP A 321 -18.41 8.08 31.54
N LYS A 322 -18.70 9.03 30.66
CA LYS A 322 -18.07 9.05 29.32
C LYS A 322 -16.56 9.23 29.46
N PRO A 323 -16.05 10.30 30.13
CA PRO A 323 -14.59 10.49 30.17
C PRO A 323 -13.89 9.44 31.03
N MET A 324 -14.50 8.99 32.13
CA MET A 324 -13.80 8.12 33.10
C MET A 324 -13.82 6.66 32.61
N ALA A 325 -14.93 6.24 32.02
CA ALA A 325 -15.20 4.82 31.72
C ALA A 325 -15.11 4.59 30.21
N LEU A 326 -16.01 5.19 29.42
CA LEU A 326 -16.04 4.96 27.94
C LEU A 326 -14.69 5.33 27.35
N GLU A 327 -14.05 6.37 27.87
CA GLU A 327 -12.70 6.75 27.37
C GLU A 327 -11.64 6.18 28.30
N GLY A 328 -11.56 6.72 29.52
N GLY A 328 -11.64 6.55 29.59
CA GLY A 328 -10.60 6.26 30.52
CA GLY A 328 -10.54 6.27 30.54
C GLY A 328 -10.39 4.76 30.40
C GLY A 328 -10.41 4.81 30.94
N PHE A 329 -11.41 3.97 30.71
CA PHE A 329 -11.26 2.52 30.93
C PHE A 329 -11.09 1.82 29.57
N ASN A 330 -11.99 2.12 28.62
CA ASN A 330 -11.99 1.34 27.35
C ASN A 330 -10.90 1.75 26.36
N ASN A 331 -10.25 2.91 26.55
CA ASN A 331 -9.13 3.28 25.65
C ASN A 331 -8.08 2.17 25.65
N ASP A 332 -7.85 1.46 26.75
CA ASP A 332 -6.83 0.38 26.78
C ASP A 332 -7.31 -0.81 25.90
N ASP A 333 -8.62 -1.02 25.78
CA ASP A 333 -9.14 -2.07 24.88
C ASP A 333 -8.77 -1.73 23.44
N ILE A 334 -8.80 -0.45 23.09
CA ILE A 334 -8.56 -0.02 21.70
C ILE A 334 -7.14 -0.44 21.26
N TRP A 335 -6.12 -0.13 22.08
CA TRP A 335 -4.75 -0.47 21.62
C TRP A 335 -4.52 -2.00 21.78
N ALA A 336 -5.20 -2.68 22.69
CA ALA A 336 -5.15 -4.16 22.77
C ALA A 336 -5.63 -4.76 21.43
N ARG A 337 -6.78 -4.30 20.93
CA ARG A 337 -7.30 -4.82 19.63
C ARG A 337 -6.26 -4.59 18.54
N GLU A 338 -5.72 -3.40 18.46
CA GLU A 338 -4.74 -2.98 17.45
C GLU A 338 -3.53 -3.93 17.55
N ALA A 339 -3.16 -4.34 18.74
CA ALA A 339 -1.97 -5.19 18.95
C ALA A 339 -2.18 -6.62 18.39
N MET A 340 -3.45 -7.06 18.22
CA MET A 340 -3.73 -8.41 17.73
C MET A 340 -3.76 -8.44 16.19
N VAL A 341 -3.77 -7.30 15.56
CA VAL A 341 -3.97 -7.24 14.08
C VAL A 341 -2.91 -8.07 13.35
N ASP A 342 -1.62 -7.90 13.62
CA ASP A 342 -0.58 -8.53 12.77
C ASP A 342 -0.75 -10.05 12.81
N PHE A 343 -1.01 -10.63 13.97
CA PHE A 343 -0.99 -12.10 14.13
C PHE A 343 -2.15 -12.71 13.36
N TYR A 344 -3.27 -11.96 13.26
CA TYR A 344 -4.50 -12.51 12.63
C TYR A 344 -4.63 -12.00 11.18
N ALA A 345 -3.74 -11.11 10.74
CA ALA A 345 -3.88 -10.37 9.45
C ALA A 345 -3.82 -11.31 8.25
N ASP A 346 -3.05 -12.38 8.32
CA ASP A 346 -2.86 -13.34 7.21
C ASP A 346 -3.74 -14.57 7.46
N ASP A 347 -4.66 -14.46 8.42
CA ASP A 347 -5.59 -15.54 8.84
C ASP A 347 -4.83 -16.66 9.55
N LYS A 348 -3.51 -16.54 9.75
CA LYS A 348 -2.72 -17.64 10.36
C LYS A 348 -2.92 -17.67 11.89
N GLY A 349 -3.23 -16.54 12.54
CA GLY A 349 -3.32 -16.54 14.02
C GLY A 349 -4.45 -17.47 14.50
N TRP A 350 -5.46 -17.75 13.66
CA TRP A 350 -6.57 -18.66 14.01
C TRP A 350 -6.04 -20.07 14.14
N VAL A 351 -4.93 -20.38 13.46
CA VAL A 351 -4.32 -21.74 13.57
C VAL A 351 -3.23 -21.73 14.65
N ASN A 352 -2.50 -20.61 14.76
CA ASN A 352 -1.24 -20.59 15.55
C ASN A 352 -1.43 -20.09 16.99
N GLU A 353 -2.56 -19.50 17.38
CA GLU A 353 -2.82 -19.08 18.77
C GLU A 353 -2.75 -20.30 19.72
N ILE A 354 -2.29 -20.06 20.93
CA ILE A 354 -2.35 -21.09 22.02
C ILE A 354 -3.27 -20.59 23.10
N LEU A 355 -4.46 -21.17 23.14
CA LEU A 355 -5.50 -20.72 24.07
C LEU A 355 -5.27 -21.37 25.47
N PHE A 356 -5.82 -20.73 26.50
CA PHE A 356 -5.81 -21.31 27.86
C PHE A 356 -7.20 -21.22 28.47
N GLU A 357 -7.32 -21.57 29.76
CA GLU A 357 -8.64 -22.02 30.27
C GLU A 357 -9.71 -20.95 30.12
N SER A 358 -9.43 -19.68 30.46
CA SER A 358 -10.47 -18.63 30.40
C SER A 358 -10.93 -18.39 28.95
N ASP A 359 -10.19 -18.87 27.95
CA ASP A 359 -10.62 -18.67 26.55
C ASP A 359 -11.82 -19.57 26.25
N GLU A 360 -12.25 -20.43 27.19
CA GLU A 360 -13.51 -21.22 27.01
C GLU A 360 -14.63 -20.26 26.62
N ALA A 361 -14.69 -19.07 27.22
CA ALA A 361 -15.74 -18.07 26.90
C ALA A 361 -15.62 -17.66 25.42
N ILE A 362 -14.40 -17.40 24.95
CA ILE A 362 -14.15 -17.01 23.55
C ILE A 362 -14.54 -18.14 22.59
N VAL A 363 -14.16 -19.38 22.89
CA VAL A 363 -14.45 -20.54 22.03
C VAL A 363 -15.97 -20.77 22.01
N ALA A 364 -16.66 -20.58 23.10
CA ALA A 364 -18.13 -20.74 23.10
C ALA A 364 -18.75 -19.71 22.17
N TRP A 365 -18.28 -18.45 22.22
CA TRP A 365 -18.75 -17.40 21.30
C TRP A 365 -18.48 -17.81 19.84
N ARG A 366 -17.28 -18.31 19.55
CA ARG A 366 -16.88 -18.62 18.16
C ARG A 366 -17.81 -19.71 17.62
N LYS A 367 -18.16 -20.66 18.49
CA LYS A 367 -19.07 -21.75 18.10
C LYS A 367 -20.50 -21.22 17.94
N LEU A 368 -20.95 -20.43 18.88
CA LEU A 368 -22.31 -19.84 18.80
C LEU A 368 -22.41 -19.05 17.49
N ALA A 369 -21.41 -18.22 17.18
CA ALA A 369 -21.45 -17.36 16.00
C ALA A 369 -21.45 -18.24 14.76
N SER A 370 -20.64 -19.31 14.76
CA SER A 370 -20.53 -20.22 13.60
C SER A 370 -21.88 -20.88 13.34
N GLU A 371 -22.59 -21.26 14.40
CA GLU A 371 -23.82 -22.08 14.26
C GLU A 371 -25.02 -21.18 13.94
N HIS A 372 -25.07 -19.95 14.45
CA HIS A 372 -26.33 -19.17 14.56
C HIS A 372 -26.30 -17.87 13.77
N ASN A 373 -25.22 -17.55 13.07
CA ASN A 373 -25.17 -16.35 12.20
C ASN A 373 -26.20 -16.50 11.06
N GLN A 374 -26.70 -15.39 10.56
CA GLN A 374 -27.71 -15.41 9.47
C GLN A 374 -27.08 -15.25 8.09
N GLY A 375 -25.78 -15.41 7.96
CA GLY A 375 -25.12 -15.39 6.66
C GLY A 375 -23.71 -14.83 6.74
N ILE A 376 -22.82 -15.31 5.89
N ILE A 376 -22.83 -15.34 5.90
CA ILE A 376 -21.43 -14.80 5.81
CA ILE A 376 -21.42 -14.85 5.74
C ILE A 376 -21.34 -13.78 4.68
C ILE A 376 -21.43 -13.75 4.67
N GLN A 377 -21.02 -12.54 5.04
CA GLN A 377 -20.83 -11.49 4.02
C GLN A 377 -19.58 -11.79 3.23
N THR A 378 -19.66 -11.65 1.92
CA THR A 378 -18.51 -11.94 1.03
C THR A 378 -18.28 -10.77 0.06
N GLN A 379 -17.12 -10.80 -0.56
CA GLN A 379 -16.72 -9.75 -1.53
C GLN A 379 -17.75 -9.80 -2.66
N ALA A 380 -18.38 -10.93 -2.94
CA ALA A 380 -19.44 -11.02 -3.95
C ALA A 380 -20.63 -10.13 -3.55
N HIS A 381 -21.02 -10.06 -2.27
CA HIS A 381 -22.09 -9.16 -1.85
C HIS A 381 -21.63 -7.72 -2.07
N VAL A 382 -20.38 -7.44 -1.78
CA VAL A 382 -19.84 -6.06 -1.83
C VAL A 382 -19.82 -5.60 -3.29
N SER A 383 -19.28 -6.41 -4.17
CA SER A 383 -19.22 -6.07 -5.62
C SER A 383 -20.24 -6.93 -6.39
N GLY A 384 -19.91 -8.20 -6.63
CA GLY A 384 -20.73 -9.09 -7.48
C GLY A 384 -20.47 -8.85 -8.95
N ALA B 2 -3.80 -10.93 -20.86
CA ALA B 2 -2.63 -10.82 -19.92
C ALA B 2 -3.03 -9.98 -18.70
N ASN B 3 -3.72 -8.85 -18.90
CA ASN B 3 -3.82 -7.76 -17.89
C ASN B 3 -5.04 -7.95 -16.97
N VAL B 4 -6.06 -8.66 -17.45
CA VAL B 4 -7.38 -8.84 -16.78
C VAL B 4 -7.75 -10.32 -16.77
N ASP B 5 -8.41 -10.78 -15.72
CA ASP B 5 -8.84 -12.18 -15.55
C ASP B 5 -9.75 -12.54 -16.74
N GLU B 6 -9.54 -13.72 -17.34
N GLU B 6 -9.53 -13.71 -17.36
CA GLU B 6 -10.36 -14.22 -18.46
CA GLU B 6 -10.37 -14.22 -18.49
C GLU B 6 -11.84 -14.31 -18.04
C GLU B 6 -11.84 -14.31 -18.04
N ALA B 7 -12.11 -14.48 -16.74
CA ALA B 7 -13.52 -14.56 -16.25
C ALA B 7 -14.27 -13.25 -16.55
N ILE B 8 -13.57 -12.14 -16.55
CA ILE B 8 -14.19 -10.84 -16.91
C ILE B 8 -14.20 -10.72 -18.44
N LEU B 9 -13.05 -10.97 -19.09
CA LEU B 9 -12.95 -10.70 -20.53
C LEU B 9 -14.02 -11.50 -21.29
N LYS B 10 -14.27 -12.73 -20.85
CA LYS B 10 -15.19 -13.61 -21.60
C LYS B 10 -16.60 -13.05 -21.50
N ARG B 11 -16.84 -12.18 -20.51
CA ARG B 11 -18.17 -11.54 -20.29
C ARG B 11 -18.30 -10.20 -21.03
N VAL B 12 -17.26 -9.69 -21.71
CA VAL B 12 -17.35 -8.39 -22.45
C VAL B 12 -17.04 -8.55 -23.96
N LYS B 13 -17.55 -9.59 -24.59
CA LYS B 13 -17.36 -9.79 -26.05
C LYS B 13 -17.81 -8.57 -26.86
N GLY B 14 -16.99 -8.18 -27.83
CA GLY B 14 -17.14 -6.99 -28.67
C GLY B 14 -16.17 -5.91 -28.25
N TRP B 15 -15.75 -5.92 -26.98
CA TRP B 15 -14.74 -4.92 -26.57
C TRP B 15 -13.78 -5.49 -25.53
N ALA B 16 -13.53 -6.81 -25.55
CA ALA B 16 -12.58 -7.40 -24.60
C ALA B 16 -11.17 -6.86 -24.78
N PRO B 17 -10.63 -6.62 -26.01
CA PRO B 17 -9.29 -6.05 -26.11
C PRO B 17 -9.17 -4.71 -25.36
N TYR B 18 -10.20 -3.89 -25.49
CA TYR B 18 -10.25 -2.58 -24.76
C TYR B 18 -10.20 -2.79 -23.27
N VAL B 19 -10.98 -3.72 -22.75
CA VAL B 19 -10.97 -4.04 -21.28
C VAL B 19 -9.61 -4.61 -20.88
N ASP B 20 -8.96 -5.37 -21.77
CA ASP B 20 -7.60 -5.88 -21.47
C ASP B 20 -6.56 -4.74 -21.48
N ALA B 21 -6.83 -3.63 -22.15
CA ALA B 21 -5.81 -2.58 -22.40
C ALA B 21 -5.73 -1.62 -21.21
N LYS B 22 -5.44 -2.15 -20.05
CA LYS B 22 -5.31 -1.36 -18.79
CA LYS B 22 -5.33 -1.34 -18.81
C LYS B 22 -4.14 -0.39 -18.91
N LEU B 23 -3.08 -0.78 -19.61
CA LEU B 23 -1.87 0.07 -19.74
C LEU B 23 -1.86 0.86 -21.05
N GLY B 24 -2.90 0.76 -21.88
CA GLY B 24 -3.02 1.52 -23.13
C GLY B 24 -2.63 0.68 -24.33
N PHE B 25 -2.61 1.31 -25.48
CA PHE B 25 -2.34 0.65 -26.78
C PHE B 25 -0.90 0.98 -27.18
N ARG B 26 -0.14 -0.06 -27.40
CA ARG B 26 1.22 0.04 -27.98
C ARG B 26 1.13 0.39 -29.46
N ASN B 27 2.20 0.97 -30.00
CA ASN B 27 2.38 1.22 -31.45
C ASN B 27 1.47 2.39 -31.83
N HIS B 28 1.39 3.40 -30.95
CA HIS B 28 0.81 4.71 -31.28
C HIS B 28 1.68 5.83 -30.75
N TRP B 29 1.54 7.01 -31.34
CA TRP B 29 2.10 8.28 -30.81
C TRP B 29 1.28 8.76 -29.61
N TYR B 30 1.95 9.38 -28.63
CA TYR B 30 1.32 9.99 -27.45
C TYR B 30 2.04 11.26 -27.12
N PRO B 31 1.32 12.35 -26.81
CA PRO B 31 1.96 13.55 -26.30
C PRO B 31 2.24 13.41 -24.82
N VAL B 32 3.40 13.95 -24.36
CA VAL B 32 3.84 13.74 -22.97
C VAL B 32 4.27 15.04 -22.31
N MET B 33 4.70 16.01 -23.10
CA MET B 33 5.12 17.31 -22.52
C MET B 33 5.09 18.34 -23.63
N PHE B 34 5.37 19.59 -23.26
CA PHE B 34 5.51 20.70 -24.24
C PHE B 34 7.00 20.91 -24.55
N SER B 35 7.24 21.29 -25.79
CA SER B 35 8.57 21.49 -26.42
C SER B 35 9.42 22.37 -25.52
N LYS B 36 8.84 23.41 -24.96
CA LYS B 36 9.57 24.38 -24.10
C LYS B 36 10.01 23.71 -22.78
N GLU B 37 9.52 22.52 -22.43
CA GLU B 37 9.84 21.89 -21.15
C GLU B 37 11.09 21.02 -21.28
N ILE B 38 11.58 20.81 -22.49
CA ILE B 38 12.78 19.93 -22.72
C ILE B 38 13.84 20.78 -23.45
N ASN B 39 14.86 21.16 -22.67
CA ASN B 39 15.96 22.08 -23.07
C ASN B 39 17.15 21.27 -23.62
N GLU B 40 17.91 21.89 -24.51
CA GLU B 40 19.18 21.32 -25.06
C GLU B 40 20.04 20.75 -23.91
N GLY B 41 20.41 19.47 -23.99
CA GLY B 41 21.34 18.87 -23.01
C GLY B 41 20.78 18.77 -21.60
N GLU B 42 19.46 18.76 -21.45
CA GLU B 42 18.83 18.65 -20.12
C GLU B 42 17.80 17.51 -20.14
N PRO B 43 18.24 16.26 -19.95
CA PRO B 43 17.31 15.14 -20.07
C PRO B 43 16.19 15.21 -19.03
N LYS B 44 15.03 14.69 -19.44
CA LYS B 44 13.82 14.63 -18.60
C LYS B 44 13.34 13.18 -18.55
N THR B 45 12.86 12.76 -17.38
CA THR B 45 12.27 11.44 -17.07
C THR B 45 10.74 11.52 -17.16
N LEU B 46 10.12 10.49 -17.68
CA LEU B 46 8.66 10.34 -17.59
C LEU B 46 8.35 8.86 -17.71
N LYS B 47 7.14 8.50 -17.32
CA LYS B 47 6.64 7.12 -17.49
C LYS B 47 5.47 7.16 -18.48
N LEU B 48 5.48 6.28 -19.47
CA LEU B 48 4.48 6.25 -20.56
C LEU B 48 4.14 4.78 -20.78
N LEU B 49 2.86 4.41 -20.70
CA LEU B 49 2.44 2.99 -20.93
C LEU B 49 3.20 2.07 -19.98
N GLY B 50 3.52 2.55 -18.78
CA GLY B 50 4.19 1.84 -17.67
C GLY B 50 5.71 1.76 -17.81
N GLU B 51 6.25 2.30 -18.87
CA GLU B 51 7.72 2.27 -19.15
C GLU B 51 8.33 3.60 -18.68
N ASN B 52 9.44 3.54 -17.94
CA ASN B 52 10.24 4.77 -17.66
C ASN B 52 11.07 5.11 -18.88
N LEU B 53 11.01 6.36 -19.29
CA LEU B 53 11.68 6.86 -20.49
C LEU B 53 12.49 8.10 -20.11
N LEU B 54 13.56 8.27 -20.86
CA LEU B 54 14.41 9.49 -20.85
C LEU B 54 14.31 10.13 -22.21
N VAL B 55 14.12 11.44 -22.21
CA VAL B 55 14.10 12.27 -23.43
C VAL B 55 15.20 13.31 -23.30
N ASN B 56 15.92 13.54 -24.37
CA ASN B 56 16.97 14.59 -24.42
C ASN B 56 16.82 15.33 -25.74
N ARG B 57 17.30 16.57 -25.71
CA ARG B 57 17.42 17.40 -26.91
C ARG B 57 18.91 17.57 -27.19
N ILE B 58 19.29 17.14 -28.39
CA ILE B 58 20.71 17.10 -28.85
C ILE B 58 20.71 17.76 -30.23
N ASP B 59 21.41 18.91 -30.32
CA ASP B 59 21.48 19.74 -31.55
C ASP B 59 20.05 20.05 -31.98
N GLY B 60 19.17 20.38 -31.03
CA GLY B 60 17.77 20.73 -31.27
C GLY B 60 16.82 19.53 -31.40
N LYS B 61 17.30 18.32 -31.69
CA LYS B 61 16.43 17.16 -32.02
C LYS B 61 16.19 16.31 -30.75
N LEU B 62 14.99 15.75 -30.61
CA LEU B 62 14.66 14.94 -29.42
C LEU B 62 14.96 13.48 -29.71
N TYR B 63 15.47 12.82 -28.67
CA TYR B 63 15.72 11.36 -28.65
C TYR B 63 15.09 10.82 -27.39
N CYS B 64 14.76 9.56 -27.41
CA CYS B 64 14.15 8.85 -26.29
C CYS B 64 14.81 7.47 -26.16
N LEU B 65 15.37 7.24 -24.98
CA LEU B 65 15.84 5.94 -24.47
C LEU B 65 14.96 5.43 -23.35
N LYS B 66 14.84 4.11 -23.24
CA LYS B 66 14.26 3.48 -22.05
C LYS B 66 15.15 3.82 -20.87
N ASP B 67 14.57 4.34 -19.82
CA ASP B 67 15.28 4.69 -18.57
C ASP B 67 15.44 3.45 -17.69
N ARG B 68 16.24 2.51 -18.17
CA ARG B 68 16.51 1.26 -17.44
C ARG B 68 17.78 0.66 -18.04
N CYS B 69 18.87 0.68 -17.30
CA CYS B 69 20.15 0.13 -17.77
C CYS B 69 19.99 -1.35 -18.06
N LEU B 70 20.64 -1.83 -19.10
CA LEU B 70 20.62 -3.29 -19.42
C LEU B 70 21.32 -4.11 -18.33
N HIS B 71 22.26 -3.53 -17.58
CA HIS B 71 23.16 -4.27 -16.70
C HIS B 71 22.42 -4.75 -15.44
N ARG B 72 22.14 -3.82 -14.50
CA ARG B 72 21.48 -4.16 -13.24
C ARG B 72 20.12 -3.45 -13.13
N GLY B 73 19.65 -2.85 -14.21
CA GLY B 73 18.22 -2.43 -14.27
C GLY B 73 17.91 -1.18 -13.48
N VAL B 74 18.91 -0.36 -13.15
CA VAL B 74 18.68 0.94 -12.48
C VAL B 74 18.13 1.95 -13.50
N GLN B 75 17.43 2.97 -13.03
CA GLN B 75 17.13 4.15 -13.87
C GLN B 75 18.44 4.94 -14.02
N LEU B 76 18.82 5.20 -15.27
CA LEU B 76 19.97 6.10 -15.56
C LEU B 76 19.64 7.45 -14.95
N SER B 77 18.35 7.84 -14.91
CA SER B 77 17.99 9.22 -14.47
C SER B 77 18.25 9.46 -12.99
N VAL B 78 18.56 8.43 -12.19
CA VAL B 78 18.90 8.61 -10.75
C VAL B 78 20.08 9.59 -10.65
N LYS B 79 21.03 9.46 -11.57
CA LYS B 79 22.18 10.40 -11.66
C LYS B 79 22.59 10.46 -13.13
N VAL B 80 22.11 11.50 -13.82
CA VAL B 80 22.33 11.65 -15.28
C VAL B 80 23.81 12.01 -15.50
N GLU B 81 24.49 11.17 -16.28
CA GLU B 81 25.87 11.45 -16.75
C GLU B 81 25.88 11.39 -18.29
N CYS B 82 25.65 12.52 -18.97
CA CYS B 82 25.85 12.69 -20.41
C CYS B 82 27.25 13.27 -20.63
N LYS B 83 28.20 12.42 -20.98
CA LYS B 83 29.64 12.80 -20.98
C LYS B 83 30.09 13.26 -22.37
N THR B 84 29.33 12.92 -23.40
CA THR B 84 29.44 13.53 -24.74
C THR B 84 28.03 13.90 -25.21
N LYS B 85 27.93 14.73 -26.26
CA LYS B 85 26.62 15.14 -26.81
C LYS B 85 25.78 13.92 -27.22
N SER B 86 26.42 12.89 -27.78
CA SER B 86 25.76 11.73 -28.44
CA SER B 86 25.81 11.70 -28.45
C SER B 86 25.40 10.59 -27.47
N THR B 87 25.87 10.64 -26.24
CA THR B 87 25.79 9.48 -25.35
C THR B 87 25.26 9.82 -23.97
N ILE B 88 24.87 8.76 -23.28
CA ILE B 88 24.60 8.79 -21.83
C ILE B 88 25.34 7.60 -21.23
N THR B 89 25.91 7.87 -20.07
CA THR B 89 26.67 6.87 -19.31
C THR B 89 25.86 6.54 -18.06
N CYS B 90 25.57 5.27 -17.85
CA CYS B 90 24.96 4.85 -16.59
C CYS B 90 25.86 5.24 -15.42
N TRP B 91 25.30 5.82 -14.37
CA TRP B 91 26.07 6.24 -13.17
C TRP B 91 26.72 5.08 -12.41
N TYR B 92 26.34 3.83 -12.62
CA TYR B 92 26.65 2.74 -11.67
C TYR B 92 27.98 2.09 -12.13
N HIS B 93 27.99 1.53 -13.34
CA HIS B 93 29.24 0.89 -13.91
C HIS B 93 29.55 1.45 -15.29
N ALA B 94 28.94 2.58 -15.68
CA ALA B 94 29.35 3.44 -16.80
C ALA B 94 29.18 2.72 -18.13
N TRP B 95 28.21 1.79 -18.23
CA TRP B 95 27.68 1.36 -19.55
C TRP B 95 27.18 2.61 -20.28
N THR B 96 27.66 2.82 -21.50
CA THR B 96 27.43 4.06 -22.26
C THR B 96 26.69 3.71 -23.55
N TYR B 97 25.54 4.38 -23.74
CA TYR B 97 24.62 4.16 -24.86
C TYR B 97 24.53 5.41 -25.73
N ARG B 98 24.41 5.20 -27.04
CA ARG B 98 24.09 6.25 -28.04
C ARG B 98 22.59 6.58 -27.99
N TRP B 99 22.29 7.85 -27.88
CA TRP B 99 20.89 8.33 -27.97
C TRP B 99 20.29 7.90 -29.32
N GLU B 100 21.08 7.91 -30.39
CA GLU B 100 20.51 7.79 -31.77
C GLU B 100 19.97 6.38 -31.96
N ASP B 101 20.60 5.35 -31.41
CA ASP B 101 20.21 3.96 -31.71
C ASP B 101 20.23 3.04 -30.50
N GLY B 102 20.54 3.57 -29.33
CA GLY B 102 20.60 2.77 -28.09
C GLY B 102 21.82 1.87 -27.99
N VAL B 103 22.71 1.89 -28.96
CA VAL B 103 23.78 0.87 -28.94
C VAL B 103 24.73 1.13 -27.75
N LEU B 104 25.04 0.08 -27.04
CA LEU B 104 26.11 0.06 -26.00
C LEU B 104 27.44 0.24 -26.73
N CYS B 105 28.00 1.43 -26.71
CA CYS B 105 29.17 1.77 -27.56
C CYS B 105 30.47 1.78 -26.73
N ASP B 106 30.36 1.83 -25.41
CA ASP B 106 31.53 1.98 -24.52
C ASP B 106 31.10 1.50 -23.13
N ILE B 107 32.04 1.04 -22.34
CA ILE B 107 31.84 0.84 -20.89
C ILE B 107 33.06 1.42 -20.19
N LEU B 108 32.93 2.52 -19.43
CA LEU B 108 34.16 3.19 -18.93
C LEU B 108 34.87 2.27 -17.95
N THR B 109 34.16 1.44 -17.21
CA THR B 109 34.74 0.56 -16.17
C THR B 109 35.44 -0.64 -16.81
N ASN B 110 35.28 -0.91 -18.09
CA ASN B 110 35.89 -2.11 -18.73
C ASN B 110 35.81 -1.97 -20.24
N PRO B 111 36.77 -1.22 -20.82
CA PRO B 111 36.77 -0.93 -22.26
C PRO B 111 37.07 -2.14 -23.14
N THR B 112 37.33 -3.28 -22.53
CA THR B 112 37.58 -4.56 -23.25
C THR B 112 36.37 -5.48 -23.13
N SER B 113 35.26 -5.03 -22.53
CA SER B 113 34.10 -5.92 -22.36
C SER B 113 33.57 -6.47 -23.70
N ALA B 114 33.25 -7.76 -23.71
CA ALA B 114 32.59 -8.44 -24.86
C ALA B 114 31.18 -7.90 -25.03
N GLN B 115 30.62 -7.20 -24.03
CA GLN B 115 29.25 -6.64 -24.22
C GLN B 115 29.27 -5.46 -25.21
N ILE B 116 30.35 -4.71 -25.31
CA ILE B 116 30.42 -3.45 -26.10
C ILE B 116 30.09 -3.79 -27.57
N GLY B 117 29.20 -3.00 -28.17
CA GLY B 117 28.70 -3.19 -29.55
C GLY B 117 27.80 -4.39 -29.77
N ARG B 118 27.44 -5.19 -28.75
CA ARG B 118 26.61 -6.41 -28.84
C ARG B 118 25.33 -6.30 -28.01
N GLN B 119 25.02 -5.12 -27.49
CA GLN B 119 23.75 -4.90 -26.73
C GLN B 119 23.16 -3.57 -27.17
N LYS B 120 21.86 -3.41 -27.04
CA LYS B 120 21.19 -2.16 -27.47
CA LYS B 120 21.24 -2.12 -27.40
C LYS B 120 20.05 -1.87 -26.47
N LEU B 121 20.01 -0.68 -25.94
CA LEU B 121 18.93 -0.20 -25.06
C LEU B 121 17.76 0.20 -25.95
N LYS B 122 16.53 -0.11 -25.57
CA LYS B 122 15.36 0.26 -26.39
C LYS B 122 15.34 1.77 -26.63
N THR B 123 15.04 2.18 -27.87
CA THR B 123 14.80 3.59 -28.22
C THR B 123 13.35 3.69 -28.74
N TYR B 124 12.81 4.88 -28.68
CA TYR B 124 11.44 5.16 -29.20
C TYR B 124 11.59 6.39 -30.05
N PRO B 125 10.94 6.45 -31.24
CA PRO B 125 10.85 7.71 -31.98
C PRO B 125 10.18 8.85 -31.20
N VAL B 126 10.65 10.06 -31.41
CA VAL B 126 10.06 11.29 -30.79
C VAL B 126 9.91 12.32 -31.87
N GLN B 127 8.78 13.05 -31.86
CA GLN B 127 8.51 14.09 -32.88
C GLN B 127 7.89 15.27 -32.15
N GLU B 128 8.15 16.49 -32.60
CA GLU B 128 7.51 17.69 -32.03
C GLU B 128 6.54 18.26 -33.06
N ALA B 129 5.35 18.65 -32.64
CA ALA B 129 4.35 19.30 -33.52
C ALA B 129 3.54 20.26 -32.66
N LYS B 130 3.37 21.50 -33.13
N LYS B 130 3.36 21.50 -33.13
CA LYS B 130 2.53 22.51 -32.43
CA LYS B 130 2.52 22.51 -32.43
C LYS B 130 3.00 22.72 -31.00
C LYS B 130 3.00 22.74 -30.99
N GLY B 131 4.32 22.67 -30.75
CA GLY B 131 4.88 22.89 -29.42
C GLY B 131 4.65 21.72 -28.47
N CYS B 132 4.24 20.59 -29.00
CA CYS B 132 3.91 19.35 -28.23
C CYS B 132 4.90 18.24 -28.57
N VAL B 133 5.43 17.54 -27.55
CA VAL B 133 6.37 16.41 -27.74
C VAL B 133 5.60 15.09 -27.76
N PHE B 134 5.68 14.38 -28.86
CA PHE B 134 5.02 13.08 -29.05
C PHE B 134 6.08 11.97 -29.05
N ILE B 135 5.79 10.87 -28.37
CA ILE B 135 6.66 9.67 -28.38
C ILE B 135 5.88 8.55 -29.03
N TYR B 136 6.49 7.86 -29.97
CA TYR B 136 5.91 6.64 -30.56
C TYR B 136 6.25 5.48 -29.63
N LEU B 137 5.31 5.07 -28.81
CA LEU B 137 5.56 4.01 -27.81
C LEU B 137 5.26 2.67 -28.49
N GLY B 138 6.21 2.20 -29.30
CA GLY B 138 5.99 1.02 -30.14
C GLY B 138 7.28 0.60 -30.78
N ASP B 139 7.16 -0.41 -31.62
CA ASP B 139 8.26 -1.17 -32.21
C ASP B 139 8.29 -0.88 -33.70
N GLY B 140 9.46 -0.97 -34.31
CA GLY B 140 9.56 -0.83 -35.76
C GLY B 140 9.32 0.59 -36.17
N ASP B 141 9.11 0.83 -37.47
CA ASP B 141 9.15 2.19 -38.04
C ASP B 141 7.78 2.81 -37.85
N PRO B 142 7.71 4.05 -37.35
CA PRO B 142 6.42 4.63 -36.96
C PRO B 142 5.63 5.09 -38.16
N PRO B 143 4.30 5.14 -37.99
CA PRO B 143 3.43 5.77 -38.98
C PRO B 143 3.60 7.27 -38.90
N PRO B 144 2.99 8.04 -39.83
CA PRO B 144 2.92 9.49 -39.69
C PRO B 144 2.18 9.82 -38.37
N LEU B 145 2.65 10.88 -37.70
CA LEU B 145 2.03 11.45 -36.49
C LEU B 145 0.55 11.71 -36.77
N ALA B 146 0.19 12.16 -37.96
CA ALA B 146 -1.20 12.56 -38.23
C ALA B 146 -2.16 11.37 -38.07
N ARG B 147 -1.69 10.13 -38.18
CA ARG B 147 -2.55 8.95 -38.00
C ARG B 147 -3.17 8.99 -36.59
N ASP B 148 -2.42 9.47 -35.61
CA ASP B 148 -2.79 9.45 -34.17
C ASP B 148 -3.09 10.86 -33.65
N THR B 149 -3.52 11.78 -34.51
CA THR B 149 -3.94 13.12 -34.04
C THR B 149 -5.29 13.38 -34.67
N PRO B 150 -6.12 14.20 -34.06
CA PRO B 150 -7.43 14.43 -34.64
C PRO B 150 -7.29 15.36 -35.84
N PRO B 151 -8.32 15.36 -36.71
CA PRO B 151 -8.35 16.31 -37.83
C PRO B 151 -8.16 17.76 -37.37
N ASN B 152 -7.37 18.52 -38.13
CA ASN B 152 -7.14 19.98 -38.01
C ASN B 152 -6.08 20.32 -36.95
N PHE B 153 -5.69 19.40 -36.07
CA PHE B 153 -4.73 19.75 -35.00
C PHE B 153 -3.39 20.20 -35.60
N LEU B 154 -3.01 19.61 -36.72
CA LEU B 154 -1.74 19.95 -37.43
C LEU B 154 -1.92 20.99 -38.54
N ASP B 155 -3.08 21.62 -38.67
CA ASP B 155 -3.30 22.67 -39.72
C ASP B 155 -2.30 23.81 -39.57
N ASP B 156 -1.84 24.33 -40.70
CA ASP B 156 -0.81 25.39 -40.75
C ASP B 156 -1.15 26.56 -39.82
N ASP B 157 -2.36 27.07 -39.89
CA ASP B 157 -2.73 28.33 -39.16
C ASP B 157 -3.11 28.00 -37.70
N MET B 158 -3.23 26.73 -37.31
CA MET B 158 -3.85 26.38 -36.00
C MET B 158 -2.84 26.63 -34.87
N GLU B 159 -3.04 27.70 -34.08
CA GLU B 159 -2.14 27.99 -32.93
C GLU B 159 -2.60 27.13 -31.75
N ILE B 160 -1.70 26.34 -31.18
CA ILE B 160 -2.04 25.41 -30.07
C ILE B 160 -1.46 25.95 -28.79
N LEU B 161 -2.27 26.11 -27.76
CA LEU B 161 -1.80 26.46 -26.41
C LEU B 161 -2.38 25.38 -25.49
N GLY B 162 -1.72 25.06 -24.42
CA GLY B 162 -2.27 23.94 -23.61
C GLY B 162 -1.83 23.93 -22.18
N LYS B 163 -2.17 22.83 -21.53
CA LYS B 163 -1.87 22.56 -20.12
C LYS B 163 -1.76 21.05 -20.00
N ASN B 164 -0.88 20.57 -19.14
CA ASN B 164 -0.72 19.11 -18.97
C ASN B 164 -0.65 18.87 -17.46
N GLN B 165 -1.23 17.80 -17.00
CA GLN B 165 -1.12 17.41 -15.58
C GLN B 165 -1.39 15.92 -15.43
N ILE B 166 -0.96 15.40 -14.29
CA ILE B 166 -1.09 13.97 -13.96
C ILE B 166 -2.33 13.79 -13.13
N ILE B 167 -3.18 12.89 -13.58
CA ILE B 167 -4.47 12.61 -12.93
C ILE B 167 -4.52 11.13 -12.52
N LYS B 168 -4.97 10.87 -11.31
CA LYS B 168 -5.05 9.52 -10.71
C LYS B 168 -6.36 8.85 -11.15
N SER B 169 -6.50 8.57 -12.43
CA SER B 169 -7.47 7.53 -12.86
C SER B 169 -6.83 6.81 -14.03
N ASN B 170 -7.29 5.58 -14.26
CA ASN B 170 -7.01 4.90 -15.53
C ASN B 170 -7.42 5.77 -16.72
N TRP B 171 -6.66 5.71 -17.81
CA TRP B 171 -6.88 6.48 -19.04
C TRP B 171 -8.28 6.28 -19.61
N ARG B 172 -8.81 5.06 -19.54
CA ARG B 172 -10.08 4.77 -20.23
C ARG B 172 -11.21 5.48 -19.54
N LEU B 173 -11.14 5.62 -18.21
CA LEU B 173 -12.21 6.36 -17.49
C LEU B 173 -12.17 7.84 -17.97
N ALA B 174 -11.02 8.38 -18.31
CA ALA B 174 -10.90 9.77 -18.78
C ALA B 174 -11.45 9.86 -20.18
N VAL B 175 -11.10 8.89 -21.06
CA VAL B 175 -11.59 8.93 -22.46
C VAL B 175 -13.11 8.91 -22.42
N GLU B 176 -13.68 8.01 -21.63
CA GLU B 176 -15.16 7.79 -21.66
C GLU B 176 -15.82 9.04 -21.11
N ASN B 177 -15.29 9.57 -20.01
CA ASN B 177 -15.78 10.88 -19.47
C ASN B 177 -15.76 11.97 -20.57
N GLY B 178 -14.71 12.06 -21.37
CA GLY B 178 -14.61 13.10 -22.41
C GLY B 178 -15.67 12.93 -23.48
N PHE B 179 -15.92 11.69 -23.89
CA PHE B 179 -16.80 11.37 -25.04
C PHE B 179 -18.27 11.11 -24.67
N ASP B 180 -18.58 11.14 -23.39
CA ASP B 180 -19.90 10.77 -22.85
C ASP B 180 -20.92 11.87 -23.14
N PRO B 181 -21.93 11.65 -23.99
CA PRO B 181 -22.83 12.74 -24.33
C PRO B 181 -23.64 13.27 -23.14
N SER B 182 -23.93 12.43 -22.16
CA SER B 182 -24.86 12.81 -21.07
C SER B 182 -24.10 13.40 -19.88
N HIS B 183 -22.76 13.29 -19.88
CA HIS B 183 -22.00 13.76 -18.71
C HIS B 183 -22.07 15.27 -18.60
N ILE B 184 -22.51 15.98 -19.63
CA ILE B 184 -22.55 17.48 -19.60
C ILE B 184 -23.41 17.96 -18.43
N TYR B 185 -24.24 17.11 -17.85
CA TYR B 185 -24.95 17.43 -16.58
C TYR B 185 -23.98 17.96 -15.52
N ILE B 186 -22.73 17.45 -15.48
CA ILE B 186 -21.79 17.85 -14.42
C ILE B 186 -21.31 19.30 -14.64
N HIS B 187 -21.49 19.86 -15.84
CA HIS B 187 -20.95 21.17 -16.22
C HIS B 187 -22.00 22.25 -16.08
N LYS B 188 -23.17 21.92 -15.53
CA LYS B 188 -24.35 22.84 -15.58
C LYS B 188 -24.07 24.12 -14.76
N ASP B 189 -23.23 24.05 -13.76
CA ASP B 189 -22.98 25.24 -12.88
C ASP B 189 -21.66 25.91 -13.25
N SER B 190 -20.99 25.52 -14.33
CA SER B 190 -19.65 26.03 -14.73
CA SER B 190 -19.65 26.05 -14.64
C SER B 190 -19.74 27.55 -14.94
N ILE B 191 -18.76 28.29 -14.42
N ILE B 191 -18.75 28.29 -14.43
CA ILE B 191 -18.57 29.74 -14.73
CA ILE B 191 -18.56 29.74 -14.70
C ILE B 191 -18.44 29.98 -16.23
C ILE B 191 -18.41 30.00 -16.21
N LEU B 192 -17.73 29.09 -16.95
CA LEU B 192 -17.59 29.26 -18.44
C LEU B 192 -18.99 29.34 -19.06
N VAL B 193 -19.89 28.46 -18.66
CA VAL B 193 -21.22 28.35 -19.31
C VAL B 193 -22.00 29.67 -19.07
N LYS B 194 -21.97 30.16 -17.85
CA LYS B 194 -22.73 31.37 -17.45
C LYS B 194 -22.11 32.58 -18.15
N ASP B 195 -20.80 32.80 -17.99
CA ASP B 195 -20.12 34.06 -18.37
C ASP B 195 -19.91 34.12 -19.88
N ASN B 196 -19.66 32.98 -20.55
CA ASN B 196 -19.37 32.96 -22.02
C ASN B 196 -20.67 32.70 -22.77
N ASP B 197 -21.82 32.72 -22.08
CA ASP B 197 -23.16 32.70 -22.68
C ASP B 197 -23.30 31.43 -23.54
N LEU B 198 -22.82 30.28 -23.06
CA LEU B 198 -22.96 29.04 -23.84
C LEU B 198 -24.37 28.48 -23.69
N ALA B 199 -24.92 27.94 -24.79
CA ALA B 199 -26.11 27.09 -24.74
C ALA B 199 -25.64 25.71 -24.27
N LEU B 200 -26.13 25.26 -23.13
CA LEU B 200 -25.73 23.93 -22.60
C LEU B 200 -26.97 23.26 -22.03
N PRO B 201 -27.50 22.24 -22.73
CA PRO B 201 -28.56 21.42 -22.21
C PRO B 201 -28.05 20.56 -21.05
N LEU B 202 -28.99 20.04 -20.28
CA LEU B 202 -28.70 19.04 -19.24
C LEU B 202 -28.35 17.70 -19.89
N GLY B 203 -28.80 17.46 -21.11
CA GLY B 203 -28.67 16.17 -21.78
C GLY B 203 -29.47 16.15 -23.05
N PHE B 204 -29.63 14.97 -23.63
CA PHE B 204 -30.36 14.80 -24.90
C PHE B 204 -31.25 13.56 -24.82
N ALA B 205 -32.48 13.68 -25.29
CA ALA B 205 -33.36 12.51 -25.55
C ALA B 205 -33.01 12.08 -26.96
N PRO B 206 -32.52 10.84 -27.21
CA PRO B 206 -32.07 10.48 -28.56
C PRO B 206 -33.21 10.69 -29.56
N GLY B 207 -32.84 11.16 -30.76
CA GLY B 207 -33.77 11.65 -31.81
C GLY B 207 -34.31 10.50 -32.62
N GLY B 208 -35.62 10.51 -32.90
CA GLY B 208 -36.35 9.40 -33.53
C GLY B 208 -36.27 9.41 -35.05
N ASP B 209 -36.07 10.60 -35.67
CA ASP B 209 -36.08 10.80 -37.14
C ASP B 209 -34.68 10.53 -37.73
N ARG B 210 -33.63 10.66 -36.91
CA ARG B 210 -32.21 10.32 -37.23
C ARG B 210 -31.75 9.24 -36.24
N LYS B 211 -31.68 7.96 -36.68
CA LYS B 211 -31.56 6.75 -35.82
C LYS B 211 -30.10 6.40 -35.51
N GLN B 212 -29.15 6.78 -36.38
CA GLN B 212 -27.70 6.49 -36.21
C GLN B 212 -27.13 7.52 -35.19
N GLN B 213 -26.72 7.07 -34.01
CA GLN B 213 -26.32 8.03 -32.92
C GLN B 213 -24.81 8.29 -33.01
N THR B 214 -24.08 7.58 -33.86
CA THR B 214 -22.62 7.72 -34.02
C THR B 214 -22.24 7.59 -35.49
N ARG B 215 -21.09 8.11 -35.85
CA ARG B 215 -20.50 7.88 -37.18
C ARG B 215 -19.06 7.44 -36.97
N VAL B 216 -18.71 6.24 -37.40
CA VAL B 216 -17.32 5.72 -37.34
C VAL B 216 -16.54 6.32 -38.50
N VAL B 217 -15.32 6.76 -38.27
CA VAL B 217 -14.38 7.19 -39.35
C VAL B 217 -13.26 6.13 -39.35
N ASP B 218 -13.26 5.25 -40.34
CA ASP B 218 -12.29 4.13 -40.47
C ASP B 218 -11.63 4.29 -41.84
N ASP B 219 -12.15 5.29 -42.56
CA ASP B 219 -12.02 5.47 -44.02
C ASP B 219 -11.15 6.70 -44.24
N ASP B 220 -10.46 7.16 -43.18
CA ASP B 220 -9.65 8.39 -43.28
C ASP B 220 -8.44 8.14 -44.19
N VAL B 221 -7.80 9.25 -44.63
CA VAL B 221 -6.72 9.36 -45.67
C VAL B 221 -5.30 9.17 -45.09
N VAL B 222 -5.10 9.41 -43.79
CA VAL B 222 -3.80 9.17 -43.10
C VAL B 222 -3.98 7.96 -42.18
N GLY B 223 -5.17 7.37 -42.17
CA GLY B 223 -5.47 6.13 -41.43
C GLY B 223 -5.97 6.40 -40.03
N ARG B 224 -6.35 7.65 -39.77
CA ARG B 224 -6.88 7.95 -38.42
C ARG B 224 -8.20 7.19 -38.23
N LYS B 225 -8.49 6.82 -36.98
CA LYS B 225 -9.64 5.97 -36.63
C LYS B 225 -10.39 6.65 -35.49
N GLY B 226 -11.67 6.93 -35.68
CA GLY B 226 -12.40 7.72 -34.69
C GLY B 226 -13.89 7.55 -34.80
N VAL B 227 -14.60 8.14 -33.86
CA VAL B 227 -16.08 8.06 -33.79
C VAL B 227 -16.60 9.46 -33.53
N TYR B 228 -17.56 9.92 -34.32
CA TYR B 228 -18.34 11.16 -34.04
C TYR B 228 -19.61 10.83 -33.23
N ASP B 229 -19.87 11.63 -32.19
CA ASP B 229 -21.10 11.55 -31.37
C ASP B 229 -22.14 12.41 -32.05
N LEU B 230 -23.25 11.81 -32.49
CA LEU B 230 -24.28 12.57 -33.24
C LEU B 230 -25.52 12.78 -32.39
N ILE B 231 -25.50 12.42 -31.11
CA ILE B 231 -26.73 12.47 -30.29
C ILE B 231 -27.16 13.95 -30.23
N GLY B 232 -26.19 14.83 -30.00
CA GLY B 232 -26.44 16.26 -29.71
C GLY B 232 -26.92 16.95 -30.95
N GLU B 233 -26.34 16.56 -32.10
CA GLU B 233 -26.75 17.10 -33.41
C GLU B 233 -28.20 16.67 -33.71
N HIS B 234 -28.61 15.42 -33.46
CA HIS B 234 -29.94 14.85 -33.87
C HIS B 234 -30.93 14.64 -32.72
N GLY B 235 -30.56 14.94 -31.48
CA GLY B 235 -31.40 14.54 -30.33
C GLY B 235 -32.29 15.68 -29.93
N VAL B 236 -33.17 15.46 -28.95
CA VAL B 236 -33.99 16.56 -28.41
C VAL B 236 -33.30 17.06 -27.15
N PRO B 237 -32.89 18.33 -27.10
CA PRO B 237 -32.10 18.81 -25.97
C PRO B 237 -33.02 18.93 -24.75
N VAL B 238 -32.48 18.58 -23.59
CA VAL B 238 -33.22 18.75 -22.31
C VAL B 238 -32.81 20.08 -21.71
N PHE B 239 -33.70 21.05 -21.66
CA PHE B 239 -33.45 22.31 -20.94
C PHE B 239 -34.28 22.41 -19.66
N GLU B 240 -35.25 21.55 -19.46
CA GLU B 240 -36.08 21.52 -18.22
C GLU B 240 -36.07 20.09 -17.71
N GLY B 241 -35.24 19.81 -16.70
CA GLY B 241 -35.17 18.45 -16.13
C GLY B 241 -36.26 18.26 -15.11
N THR B 242 -36.93 17.13 -15.16
CA THR B 242 -38.13 16.86 -14.35
C THR B 242 -37.95 15.66 -13.44
N ILE B 243 -38.58 15.74 -12.30
CA ILE B 243 -38.75 14.60 -11.36
C ILE B 243 -40.25 14.53 -11.05
N GLY B 244 -40.87 13.40 -11.34
CA GLY B 244 -42.32 13.24 -11.09
C GLY B 244 -43.06 14.30 -11.88
N GLY B 245 -42.51 14.69 -13.05
CA GLY B 245 -43.09 15.67 -13.99
C GLY B 245 -42.90 17.13 -13.56
N GLU B 246 -42.29 17.41 -12.40
CA GLU B 246 -42.06 18.78 -11.88
C GLU B 246 -40.67 19.23 -12.31
N VAL B 247 -40.56 20.45 -12.83
CA VAL B 247 -39.23 20.97 -13.24
C VAL B 247 -38.39 21.21 -11.98
N VAL B 248 -37.21 20.58 -11.87
CA VAL B 248 -36.32 20.76 -10.70
C VAL B 248 -34.98 21.39 -11.12
N ARG B 249 -34.69 21.48 -12.41
CA ARG B 249 -33.41 22.04 -12.85
C ARG B 249 -33.51 22.48 -14.30
N GLU B 250 -32.98 23.65 -14.61
CA GLU B 250 -32.91 24.10 -16.02
C GLU B 250 -31.49 24.02 -16.55
N GLY B 251 -31.41 23.80 -17.85
CA GLY B 251 -30.16 23.98 -18.61
C GLY B 251 -29.79 25.45 -18.75
N ALA B 252 -28.73 25.68 -19.49
CA ALA B 252 -28.16 27.03 -19.67
C ALA B 252 -28.56 27.52 -21.06
N TYR B 253 -29.35 28.57 -21.07
CA TYR B 253 -29.66 29.25 -22.35
C TYR B 253 -28.48 30.14 -22.68
N GLY B 254 -28.23 30.28 -23.95
CA GLY B 254 -27.10 31.10 -24.37
C GLY B 254 -27.06 31.19 -25.86
N GLU B 255 -26.44 32.25 -26.33
CA GLU B 255 -26.31 32.57 -27.76
C GLU B 255 -25.28 31.66 -28.42
N LYS B 256 -24.27 31.25 -27.69
CA LYS B 256 -23.09 30.61 -28.30
C LYS B 256 -23.30 29.11 -28.36
N ILE B 257 -23.27 28.61 -29.58
CA ILE B 257 -23.47 27.18 -29.83
C ILE B 257 -22.08 26.55 -29.98
N VAL B 258 -21.77 25.60 -29.13
CA VAL B 258 -20.44 24.92 -29.13
C VAL B 258 -20.64 23.42 -29.29
N ALA B 259 -19.57 22.71 -29.62
CA ALA B 259 -19.55 21.24 -29.66
C ALA B 259 -20.58 20.75 -30.68
N ASN B 260 -20.64 21.41 -31.83
CA ASN B 260 -21.35 20.96 -33.07
C ASN B 260 -20.74 19.58 -33.41
N ASP B 261 -19.43 19.44 -33.29
CA ASP B 261 -18.82 18.16 -33.72
C ASP B 261 -17.87 17.74 -32.61
N ILE B 262 -18.18 16.56 -32.14
CA ILE B 262 -17.44 15.93 -31.01
C ILE B 262 -16.99 14.58 -31.51
N SER B 263 -15.68 14.31 -31.42
CA SER B 263 -15.14 13.01 -31.93
C SER B 263 -14.02 12.54 -31.01
N ILE B 264 -13.92 11.23 -30.89
CA ILE B 264 -12.82 10.56 -30.17
C ILE B 264 -12.01 9.76 -31.19
N TRP B 265 -10.70 9.79 -31.04
CA TRP B 265 -9.75 9.16 -32.00
C TRP B 265 -8.79 8.26 -31.23
N LEU B 266 -8.47 7.11 -31.82
CA LEU B 266 -7.28 6.40 -31.31
C LEU B 266 -6.07 7.30 -31.42
N PRO B 267 -5.14 7.20 -30.45
CA PRO B 267 -5.15 6.24 -29.35
C PRO B 267 -5.95 6.65 -28.10
N GLY B 268 -6.50 7.87 -28.13
CA GLY B 268 -7.33 8.36 -27.04
C GLY B 268 -7.30 9.86 -26.97
N VAL B 269 -7.86 10.53 -27.96
CA VAL B 269 -7.82 12.01 -28.05
C VAL B 269 -9.17 12.51 -28.54
N LEU B 270 -9.74 13.41 -27.77
CA LEU B 270 -11.05 14.03 -28.05
C LEU B 270 -10.85 15.31 -28.82
N LYS B 271 -11.70 15.54 -29.81
CA LYS B 271 -11.78 16.81 -30.51
C LYS B 271 -13.17 17.39 -30.27
N VAL B 272 -13.24 18.65 -29.84
CA VAL B 272 -14.55 19.35 -29.65
C VAL B 272 -14.49 20.64 -30.46
N ASN B 273 -15.42 20.77 -31.41
CA ASN B 273 -15.39 21.90 -32.36
C ASN B 273 -16.81 22.46 -32.53
N PRO B 274 -17.04 23.76 -32.28
CA PRO B 274 -16.06 24.65 -31.66
C PRO B 274 -16.15 24.55 -30.12
N PHE B 275 -15.09 24.99 -29.45
CA PHE B 275 -15.06 25.04 -27.98
C PHE B 275 -13.77 25.72 -27.56
N PRO B 276 -13.71 26.61 -26.55
CA PRO B 276 -14.85 27.11 -25.80
C PRO B 276 -15.56 28.32 -26.45
N ASN B 277 -15.08 28.83 -27.57
CA ASN B 277 -15.67 29.96 -28.32
C ASN B 277 -15.81 29.51 -29.76
N PRO B 278 -16.65 30.21 -30.56
CA PRO B 278 -17.01 29.76 -31.90
C PRO B 278 -15.90 29.54 -32.94
N ASP B 279 -14.74 30.15 -32.71
CA ASP B 279 -13.65 30.01 -33.69
C ASP B 279 -12.47 29.28 -33.04
N MET B 280 -12.71 28.50 -31.99
CA MET B 280 -11.65 27.73 -31.32
C MET B 280 -12.03 26.26 -31.33
N MET B 281 -11.07 25.39 -31.11
CA MET B 281 -11.36 23.93 -30.95
C MET B 281 -10.59 23.42 -29.72
N GLN B 282 -11.08 22.41 -29.05
CA GLN B 282 -10.34 21.77 -27.93
C GLN B 282 -9.90 20.38 -28.35
N PHE B 283 -8.62 20.06 -28.18
CA PHE B 283 -8.10 18.72 -28.48
C PHE B 283 -7.48 18.24 -27.18
N GLU B 284 -7.95 17.14 -26.64
CA GLU B 284 -7.36 16.71 -25.35
C GLU B 284 -7.08 15.22 -25.40
N TRP B 285 -5.90 14.85 -24.89
CA TRP B 285 -5.46 13.46 -24.80
C TRP B 285 -5.56 12.95 -23.37
N TYR B 286 -5.69 11.64 -23.25
CA TYR B 286 -5.72 10.96 -21.95
C TYR B 286 -4.68 9.84 -22.04
N VAL B 287 -3.46 10.19 -21.68
CA VAL B 287 -2.28 9.40 -22.05
C VAL B 287 -1.96 8.44 -20.92
N PRO B 288 -1.89 7.12 -21.15
CA PRO B 288 -1.69 6.21 -20.03
C PRO B 288 -0.27 6.33 -19.49
N ILE B 289 -0.19 6.49 -18.18
CA ILE B 289 1.11 6.50 -17.45
C ILE B 289 1.36 5.12 -16.87
N ASP B 290 0.40 4.61 -16.14
CA ASP B 290 0.42 3.24 -15.62
C ASP B 290 -1.03 2.80 -15.50
N GLU B 291 -1.30 1.70 -14.80
CA GLU B 291 -2.72 1.25 -14.71
C GLU B 291 -3.64 2.26 -14.01
N ASN B 292 -3.12 3.16 -13.19
CA ASN B 292 -3.92 3.98 -12.26
C ASN B 292 -3.87 5.47 -12.63
N THR B 293 -3.13 5.88 -13.68
CA THR B 293 -2.68 7.29 -13.80
C THR B 293 -2.65 7.66 -15.27
N HIS B 294 -3.00 8.89 -15.63
CA HIS B 294 -2.84 9.37 -17.01
C HIS B 294 -2.32 10.80 -17.04
N TYR B 295 -1.78 11.23 -18.18
CA TYR B 295 -1.60 12.67 -18.43
C TYR B 295 -2.91 13.14 -19.04
N TYR B 296 -3.44 14.20 -18.47
CA TYR B 296 -4.54 14.97 -19.07
C TYR B 296 -3.91 16.11 -19.83
N PHE B 297 -3.72 15.87 -21.10
CA PHE B 297 -2.93 16.75 -22.00
C PHE B 297 -3.96 17.57 -22.77
N GLN B 298 -4.19 18.80 -22.29
CA GLN B 298 -5.27 19.63 -22.84
C GLN B 298 -4.70 20.67 -23.81
N THR B 299 -5.35 20.84 -24.95
CA THR B 299 -4.96 21.93 -25.86
C THR B 299 -6.18 22.65 -26.37
N LEU B 300 -5.96 23.94 -26.64
CA LEU B 300 -6.96 24.77 -27.35
C LEU B 300 -6.27 25.26 -28.62
N GLY B 301 -6.99 25.15 -29.73
CA GLY B 301 -6.51 25.62 -31.04
C GLY B 301 -7.31 26.81 -31.51
N LYS B 302 -6.64 27.83 -32.06
CA LYS B 302 -7.32 28.94 -32.75
C LYS B 302 -6.51 29.27 -33.99
N PRO B 303 -7.16 29.34 -35.17
CA PRO B 303 -6.46 29.81 -36.36
C PRO B 303 -6.01 31.26 -36.18
N CYS B 304 -4.72 31.49 -36.41
CA CYS B 304 -4.02 32.80 -36.28
C CYS B 304 -3.19 33.04 -37.56
N ALA B 305 -3.45 34.13 -38.27
CA ALA B 305 -2.82 34.49 -39.56
C ALA B 305 -1.40 35.04 -39.38
N ASN B 306 -1.06 35.59 -38.21
CA ASN B 306 0.22 36.33 -38.03
C ASN B 306 0.52 36.47 -36.54
N ASP B 307 1.67 37.06 -36.22
CA ASP B 307 2.19 37.16 -34.83
C ASP B 307 1.27 38.01 -33.95
N GLU B 308 0.58 39.01 -34.52
CA GLU B 308 -0.37 39.88 -33.77
C GLU B 308 -1.57 39.04 -33.31
N GLU B 309 -2.14 38.25 -34.21
CA GLU B 309 -3.25 37.31 -33.86
C GLU B 309 -2.74 36.29 -32.84
N ARG B 310 -1.53 35.75 -33.00
CA ARG B 310 -0.97 34.73 -32.07
C ARG B 310 -0.82 35.38 -30.70
N LYS B 311 -0.35 36.63 -30.67
CA LYS B 311 -0.12 37.37 -29.42
CA LYS B 311 -0.12 37.36 -29.40
C LYS B 311 -1.46 37.62 -28.72
N LYS B 312 -2.48 38.08 -29.46
CA LYS B 312 -3.85 38.31 -28.93
C LYS B 312 -4.38 36.98 -28.34
N TYR B 313 -4.19 35.89 -29.06
CA TYR B 313 -4.67 34.56 -28.61
C TYR B 313 -3.96 34.17 -27.30
N GLU B 314 -2.65 34.36 -27.22
CA GLU B 314 -1.92 34.01 -25.98
C GLU B 314 -2.46 34.81 -24.81
N GLN B 315 -2.68 36.12 -24.98
CA GLN B 315 -3.24 37.01 -23.93
C GLN B 315 -4.59 36.46 -23.44
N GLU B 316 -5.48 36.11 -24.37
N GLU B 316 -5.44 36.11 -24.40
CA GLU B 316 -6.86 35.65 -24.06
CA GLU B 316 -6.82 35.61 -24.19
C GLU B 316 -6.76 34.27 -23.41
C GLU B 316 -6.72 34.29 -23.41
N PHE B 317 -5.82 33.44 -23.86
CA PHE B 317 -5.58 32.11 -23.23
C PHE B 317 -5.19 32.29 -21.76
N GLU B 318 -4.21 33.15 -21.48
CA GLU B 318 -3.73 33.32 -20.10
C GLU B 318 -4.79 33.98 -19.23
N SER B 319 -5.50 35.00 -19.74
CA SER B 319 -6.42 35.81 -18.93
C SER B 319 -7.77 35.15 -18.77
N LYS B 320 -8.20 34.32 -19.74
CA LYS B 320 -9.58 33.80 -19.77
C LYS B 320 -9.65 32.29 -20.03
N TRP B 321 -9.11 31.80 -21.14
CA TRP B 321 -9.46 30.41 -21.56
C TRP B 321 -8.83 29.38 -20.63
N LYS B 322 -7.57 29.59 -20.23
CA LYS B 322 -6.94 28.61 -19.33
C LYS B 322 -7.68 28.61 -18.00
N PRO B 323 -7.86 29.73 -17.28
CA PRO B 323 -8.54 29.68 -16.00
C PRO B 323 -10.05 29.29 -16.08
N MET B 324 -10.77 29.83 -17.07
N MET B 324 -10.81 29.81 -17.05
CA MET B 324 -12.24 29.65 -17.17
CA MET B 324 -12.28 29.58 -17.01
C MET B 324 -12.56 28.27 -17.75
C MET B 324 -12.64 28.31 -17.82
N ALA B 325 -11.86 27.88 -18.80
CA ALA B 325 -12.25 26.68 -19.59
C ALA B 325 -11.39 25.50 -19.14
N LEU B 326 -10.10 25.50 -19.43
CA LEU B 326 -9.24 24.32 -19.12
C LEU B 326 -9.29 23.98 -17.63
N GLU B 327 -9.28 24.99 -16.78
CA GLU B 327 -9.38 24.77 -15.32
C GLU B 327 -10.85 24.77 -14.89
N GLY B 328 -11.48 25.94 -14.95
N GLY B 328 -11.59 25.89 -15.02
CA GLY B 328 -12.85 26.11 -14.47
CA GLY B 328 -12.92 26.07 -14.39
C GLY B 328 -13.68 24.94 -14.94
C GLY B 328 -14.07 25.35 -15.10
N PHE B 329 -13.83 24.79 -16.25
CA PHE B 329 -14.84 23.89 -16.83
C PHE B 329 -14.37 22.44 -16.65
N ASN B 330 -13.14 22.14 -17.06
CA ASN B 330 -12.69 20.73 -17.03
C ASN B 330 -12.30 20.25 -15.64
N ASN B 331 -12.17 21.11 -14.63
CA ASN B 331 -11.92 20.55 -13.28
C ASN B 331 -13.02 19.59 -12.85
N ASP B 332 -14.28 19.77 -13.25
CA ASP B 332 -15.35 18.85 -12.83
C ASP B 332 -15.14 17.50 -13.54
N ASP B 333 -14.55 17.47 -14.75
CA ASP B 333 -14.21 16.19 -15.42
C ASP B 333 -13.19 15.41 -14.60
N ILE B 334 -12.23 16.11 -14.01
CA ILE B 334 -11.18 15.46 -13.21
C ILE B 334 -11.80 14.71 -12.04
N TRP B 335 -12.64 15.36 -11.24
CA TRP B 335 -13.15 14.63 -10.08
C TRP B 335 -14.16 13.56 -10.55
N ALA B 336 -14.88 13.75 -11.65
CA ALA B 336 -15.76 12.71 -12.22
C ALA B 336 -14.93 11.44 -12.50
N ARG B 337 -13.79 11.58 -13.19
CA ARG B 337 -12.88 10.44 -13.50
C ARG B 337 -12.44 9.76 -12.23
N GLU B 338 -12.05 10.54 -11.23
CA GLU B 338 -11.56 9.98 -9.95
C GLU B 338 -12.70 9.17 -9.29
N ALA B 339 -13.95 9.60 -9.43
CA ALA B 339 -15.11 8.98 -8.78
C ALA B 339 -15.44 7.64 -9.44
N MET B 340 -14.98 7.39 -10.67
CA MET B 340 -15.26 6.08 -11.36
C MET B 340 -14.19 5.05 -10.95
N VAL B 341 -13.11 5.49 -10.33
CA VAL B 341 -11.96 4.55 -10.11
C VAL B 341 -12.41 3.28 -9.38
N ASP B 342 -13.12 3.41 -8.27
CA ASP B 342 -13.38 2.28 -7.37
C ASP B 342 -14.15 1.21 -8.13
N PHE B 343 -15.18 1.59 -8.88
CA PHE B 343 -16.05 0.56 -9.53
C PHE B 343 -15.28 -0.23 -10.59
N TYR B 344 -14.27 0.38 -11.22
CA TYR B 344 -13.50 -0.25 -12.32
C TYR B 344 -12.18 -0.84 -11.79
N ALA B 345 -11.85 -0.67 -10.53
CA ALA B 345 -10.46 -0.94 -10.05
C ALA B 345 -10.21 -2.44 -10.01
N ASP B 346 -11.23 -3.22 -9.78
CA ASP B 346 -11.13 -4.68 -9.67
C ASP B 346 -11.55 -5.30 -11.00
N ASP B 347 -11.70 -4.45 -12.02
CA ASP B 347 -12.15 -4.84 -13.37
C ASP B 347 -13.62 -5.25 -13.42
N LYS B 348 -14.35 -5.26 -12.30
CA LYS B 348 -15.74 -5.78 -12.30
C LYS B 348 -16.70 -4.74 -12.88
N GLY B 349 -16.40 -3.45 -12.80
CA GLY B 349 -17.27 -2.43 -13.37
C GLY B 349 -17.63 -2.67 -14.82
N TRP B 350 -16.71 -3.23 -15.60
CA TRP B 350 -16.91 -3.45 -17.04
C TRP B 350 -18.05 -4.46 -17.20
N VAL B 351 -18.27 -5.34 -16.23
CA VAL B 351 -19.38 -6.33 -16.26
CA VAL B 351 -19.41 -6.29 -16.36
C VAL B 351 -20.62 -5.77 -15.59
N ASN B 352 -20.45 -4.99 -14.53
CA ASN B 352 -21.58 -4.70 -13.62
C ASN B 352 -22.25 -3.34 -13.93
N GLU B 353 -21.61 -2.50 -14.73
CA GLU B 353 -22.22 -1.24 -15.18
C GLU B 353 -23.58 -1.50 -15.86
N ILE B 354 -24.50 -0.59 -15.72
CA ILE B 354 -25.76 -0.61 -16.48
C ILE B 354 -25.82 0.62 -17.37
N LEU B 355 -25.62 0.42 -18.65
CA LEU B 355 -25.57 1.53 -19.60
C LEU B 355 -26.97 1.96 -20.02
N PHE B 356 -27.08 3.19 -20.49
CA PHE B 356 -28.32 3.70 -21.12
C PHE B 356 -28.01 4.29 -22.49
N GLU B 357 -29.04 4.88 -23.11
CA GLU B 357 -29.03 5.09 -24.55
C GLU B 357 -27.83 5.92 -25.02
N SER B 358 -27.53 7.05 -24.36
CA SER B 358 -26.42 7.93 -24.78
C SER B 358 -25.08 7.21 -24.69
N ASP B 359 -25.01 6.11 -23.98
CA ASP B 359 -23.78 5.31 -23.90
C ASP B 359 -23.50 4.57 -25.20
N GLU B 360 -24.41 4.62 -26.18
CA GLU B 360 -24.08 4.08 -27.53
C GLU B 360 -22.77 4.70 -28.03
N ALA B 361 -22.52 6.00 -27.76
CA ALA B 361 -21.28 6.70 -28.15
C ALA B 361 -20.08 6.00 -27.52
N ILE B 362 -20.17 5.68 -26.24
CA ILE B 362 -19.05 5.06 -25.49
C ILE B 362 -18.82 3.62 -26.04
N VAL B 363 -19.88 2.89 -26.23
CA VAL B 363 -19.72 1.50 -26.72
C VAL B 363 -19.11 1.57 -28.14
N ALA B 364 -19.51 2.50 -28.98
CA ALA B 364 -18.93 2.62 -30.32
C ALA B 364 -17.42 2.84 -30.17
N TRP B 365 -17.03 3.75 -29.27
CA TRP B 365 -15.59 3.99 -29.03
C TRP B 365 -14.94 2.68 -28.58
N ARG B 366 -15.52 1.96 -27.63
CA ARG B 366 -14.89 0.73 -27.05
C ARG B 366 -14.67 -0.29 -28.19
N LYS B 367 -15.63 -0.38 -29.08
CA LYS B 367 -15.53 -1.33 -30.23
C LYS B 367 -14.53 -0.82 -31.25
N LEU B 368 -14.50 0.47 -31.53
CA LEU B 368 -13.53 1.04 -32.49
C LEU B 368 -12.11 0.78 -31.93
N ALA B 369 -11.91 1.11 -30.66
CA ALA B 369 -10.62 0.94 -29.98
C ALA B 369 -10.23 -0.53 -30.06
N SER B 370 -11.15 -1.43 -29.78
CA SER B 370 -10.89 -2.90 -29.79
C SER B 370 -10.47 -3.35 -31.20
N GLU B 371 -11.10 -2.83 -32.24
CA GLU B 371 -10.87 -3.26 -33.63
C GLU B 371 -9.54 -2.67 -34.11
N HIS B 372 -9.25 -1.40 -33.85
CA HIS B 372 -8.22 -0.67 -34.66
C HIS B 372 -6.99 -0.22 -33.86
N ASN B 373 -6.90 -0.57 -32.61
CA ASN B 373 -5.64 -0.32 -31.85
C ASN B 373 -4.51 -1.13 -32.53
N GLN B 374 -3.29 -0.69 -32.34
CA GLN B 374 -2.09 -1.27 -33.00
C GLN B 374 -1.35 -2.17 -32.00
N GLY B 375 -1.96 -2.51 -30.87
CA GLY B 375 -1.37 -3.49 -29.95
C GLY B 375 -1.73 -3.21 -28.51
N ILE B 376 -1.87 -4.27 -27.74
N ILE B 376 -1.89 -4.28 -27.74
CA ILE B 376 -2.21 -4.19 -26.29
CA ILE B 376 -2.19 -4.16 -26.29
C ILE B 376 -0.93 -4.16 -25.46
C ILE B 376 -0.87 -4.14 -25.50
N GLN B 377 -0.63 -3.06 -24.76
CA GLN B 377 0.55 -2.99 -23.87
C GLN B 377 0.37 -3.95 -22.71
N THR B 378 1.40 -4.73 -22.36
CA THR B 378 1.29 -5.71 -21.27
C THR B 378 2.43 -5.50 -20.27
N GLN B 379 2.32 -6.19 -19.14
CA GLN B 379 3.41 -6.22 -18.13
C GLN B 379 4.67 -6.82 -18.77
N ALA B 380 4.55 -7.71 -19.74
CA ALA B 380 5.70 -8.30 -20.43
C ALA B 380 6.46 -7.21 -21.19
N HIS B 381 5.76 -6.23 -21.78
CA HIS B 381 6.43 -5.06 -22.42
C HIS B 381 7.13 -4.22 -21.37
N VAL B 382 6.52 -4.05 -20.21
CA VAL B 382 7.02 -3.13 -19.15
C VAL B 382 8.26 -3.74 -18.51
N SER B 383 8.11 -4.92 -17.90
CA SER B 383 9.19 -5.58 -17.11
C SER B 383 9.69 -6.73 -17.98
N GLY B 384 10.76 -6.44 -18.74
CA GLY B 384 11.09 -7.05 -20.05
C GLY B 384 10.95 -6.02 -21.16
N ALA C 2 10.82 -21.87 -1.62
CA ALA C 2 9.89 -21.45 -0.53
C ALA C 2 9.43 -20.00 -0.71
N ASN C 3 10.31 -19.09 -1.15
CA ASN C 3 10.04 -17.64 -1.06
C ASN C 3 9.67 -17.06 -2.43
N VAL C 4 10.11 -17.70 -3.50
CA VAL C 4 10.08 -17.13 -4.88
C VAL C 4 9.35 -18.12 -5.78
N ASP C 5 8.61 -17.58 -6.75
CA ASP C 5 7.95 -18.34 -7.84
C ASP C 5 8.92 -19.43 -8.36
N GLU C 6 8.49 -20.69 -8.32
CA GLU C 6 9.29 -21.84 -8.81
C GLU C 6 9.75 -21.61 -10.25
N ALA C 7 8.97 -20.89 -11.06
CA ALA C 7 9.30 -20.62 -12.48
C ALA C 7 10.64 -19.88 -12.53
N ILE C 8 10.75 -18.77 -11.77
CA ILE C 8 11.97 -17.93 -11.69
C ILE C 8 13.14 -18.79 -11.21
N LEU C 9 12.98 -19.55 -10.12
CA LEU C 9 14.07 -20.36 -9.53
C LEU C 9 14.62 -21.35 -10.57
N LYS C 10 13.78 -21.83 -11.48
CA LYS C 10 14.19 -22.80 -12.54
C LYS C 10 15.02 -22.07 -13.60
N ARG C 11 14.84 -20.76 -13.77
CA ARG C 11 15.60 -19.95 -14.76
C ARG C 11 16.90 -19.40 -14.15
N VAL C 12 17.31 -19.81 -12.94
CA VAL C 12 18.55 -19.29 -12.28
C VAL C 12 19.37 -20.45 -11.67
N LYS C 13 19.28 -21.65 -12.25
N LYS C 13 19.48 -21.58 -12.38
CA LYS C 13 19.65 -22.96 -11.61
CA LYS C 13 20.34 -22.75 -11.99
C LYS C 13 20.89 -22.82 -10.70
C LYS C 13 21.76 -22.24 -11.69
N GLY C 14 21.96 -22.19 -11.22
N GLY C 14 22.52 -22.95 -10.84
CA GLY C 14 23.35 -22.21 -10.69
CA GLY C 14 23.78 -22.44 -10.29
C GLY C 14 23.60 -21.30 -9.49
C GLY C 14 23.58 -21.61 -9.02
N TRP C 15 22.52 -20.78 -8.90
CA TRP C 15 22.44 -19.97 -7.65
C TRP C 15 20.98 -19.80 -7.19
N ALA C 16 20.12 -20.78 -7.46
CA ALA C 16 18.69 -20.72 -7.07
C ALA C 16 18.48 -20.60 -5.55
N PRO C 17 19.21 -21.31 -4.66
CA PRO C 17 19.02 -21.13 -3.22
C PRO C 17 19.23 -19.66 -2.77
N TYR C 18 20.19 -18.99 -3.39
CA TYR C 18 20.47 -17.56 -3.11
C TYR C 18 19.31 -16.67 -3.55
N VAL C 19 18.78 -16.91 -4.75
CA VAL C 19 17.60 -16.16 -5.27
C VAL C 19 16.39 -16.42 -4.38
N ASP C 20 16.30 -17.58 -3.76
CA ASP C 20 15.20 -17.93 -2.83
C ASP C 20 15.35 -17.21 -1.48
N ALA C 21 16.57 -16.85 -1.13
CA ALA C 21 16.91 -16.40 0.23
C ALA C 21 16.58 -14.91 0.41
N LYS C 22 15.34 -14.53 0.14
CA LYS C 22 14.87 -13.13 0.19
C LYS C 22 14.92 -12.61 1.64
N LEU C 23 14.72 -13.46 2.64
CA LEU C 23 14.70 -13.09 4.07
C LEU C 23 16.03 -13.36 4.75
N GLY C 24 17.03 -13.83 4.01
CA GLY C 24 18.35 -14.15 4.54
C GLY C 24 18.53 -15.61 4.90
N PHE C 25 19.67 -15.91 5.47
CA PHE C 25 20.08 -17.28 5.83
C PHE C 25 19.91 -17.45 7.34
N ARG C 26 19.10 -18.44 7.70
CA ARG C 26 18.95 -18.90 9.09
C ARG C 26 20.20 -19.65 9.54
N ASN C 27 20.38 -19.76 10.85
CA ASN C 27 21.48 -20.51 11.51
C ASN C 27 22.80 -19.81 11.25
N HIS C 28 22.78 -18.48 11.34
CA HIS C 28 24.00 -17.66 11.35
C HIS C 28 23.87 -16.57 12.38
N TRP C 29 25.01 -16.12 12.85
CA TRP C 29 25.13 -14.91 13.70
C TRP C 29 25.00 -13.66 12.85
N TYR C 30 24.33 -12.64 13.42
CA TYR C 30 24.16 -11.31 12.82
C TYR C 30 24.28 -10.21 13.85
N PRO C 31 25.02 -9.14 13.52
CA PRO C 31 25.09 -7.98 14.42
C PRO C 31 23.80 -7.16 14.20
N VAL C 32 23.30 -6.56 15.28
CA VAL C 32 22.03 -5.79 15.19
C VAL C 32 22.13 -4.44 15.91
N MET C 33 23.03 -4.30 16.86
CA MET C 33 23.21 -3.01 17.56
C MET C 33 24.58 -3.01 18.23
N PHE C 34 24.97 -1.87 18.80
CA PHE C 34 26.19 -1.78 19.65
C PHE C 34 25.85 -2.04 21.09
N SER C 35 26.83 -2.59 21.83
CA SER C 35 26.69 -2.96 23.26
C SER C 35 26.21 -1.75 24.06
N LYS C 36 26.73 -0.58 23.75
CA LYS C 36 26.48 0.63 24.58
C LYS C 36 25.06 1.14 24.32
N GLU C 37 24.32 0.56 23.37
CA GLU C 37 22.93 0.99 23.07
C GLU C 37 21.93 0.21 23.90
N ILE C 38 22.36 -0.79 24.66
CA ILE C 38 21.38 -1.56 25.46
C ILE C 38 21.86 -1.57 26.90
N ASN C 39 21.05 -0.89 27.71
CA ASN C 39 21.32 -0.66 29.14
C ASN C 39 20.69 -1.78 29.94
N GLU C 40 21.24 -2.03 31.12
CA GLU C 40 20.63 -2.92 32.13
C GLU C 40 19.13 -2.67 32.27
N GLY C 41 18.34 -3.73 32.08
CA GLY C 41 16.91 -3.74 32.39
C GLY C 41 16.11 -2.81 31.47
N GLU C 42 16.67 -2.43 30.32
CA GLU C 42 15.94 -1.60 29.30
C GLU C 42 15.83 -2.35 27.98
N PRO C 43 14.84 -3.25 27.83
CA PRO C 43 14.69 -4.09 26.65
C PRO C 43 14.54 -3.25 25.36
N LYS C 44 15.07 -3.77 24.28
CA LYS C 44 15.04 -3.16 22.94
C LYS C 44 14.35 -4.12 21.99
N THR C 45 13.52 -3.59 21.12
CA THR C 45 12.85 -4.31 20.02
C THR C 45 13.62 -4.13 18.73
N LEU C 46 13.61 -5.15 17.91
CA LEU C 46 14.14 -5.09 16.54
C LEU C 46 13.56 -6.27 15.76
N LYS C 47 13.64 -6.16 14.45
CA LYS C 47 13.23 -7.22 13.50
C LYS C 47 14.51 -7.75 12.81
N LEU C 48 14.65 -9.05 12.76
CA LEU C 48 15.83 -9.73 12.16
C LEU C 48 15.30 -10.95 11.39
N LEU C 49 15.58 -11.04 10.09
CA LEU C 49 15.21 -12.18 9.21
C LEU C 49 13.68 -12.25 9.28
N GLY C 50 13.03 -11.10 9.44
CA GLY C 50 11.56 -10.97 9.46
C GLY C 50 10.93 -11.22 10.79
N GLU C 51 11.69 -11.67 11.80
CA GLU C 51 11.15 -11.98 13.14
C GLU C 51 11.30 -10.78 14.08
N ASN C 52 10.25 -10.43 14.83
CA ASN C 52 10.34 -9.38 15.87
C ASN C 52 10.96 -10.01 17.12
N LEU C 53 12.00 -9.39 17.65
CA LEU C 53 12.77 -9.91 18.82
C LEU C 53 12.85 -8.85 19.89
N LEU C 54 12.99 -9.27 21.15
CA LEU C 54 13.28 -8.40 22.29
C LEU C 54 14.65 -8.81 22.83
N VAL C 55 15.46 -7.83 23.11
CA VAL C 55 16.79 -8.06 23.72
C VAL C 55 16.81 -7.32 25.03
N ASN C 56 17.28 -7.99 26.10
CA ASN C 56 17.40 -7.34 27.41
C ASN C 56 18.82 -7.62 27.95
N ARG C 57 19.28 -6.73 28.82
CA ARG C 57 20.56 -6.88 29.57
C ARG C 57 20.21 -7.09 31.03
N ILE C 58 20.63 -8.22 31.59
CA ILE C 58 20.26 -8.56 32.99
C ILE C 58 21.54 -9.03 33.67
N ASP C 59 21.92 -8.30 34.72
CA ASP C 59 23.22 -8.52 35.42
C ASP C 59 24.34 -8.48 34.36
N GLY C 60 24.22 -7.61 33.36
CA GLY C 60 25.23 -7.37 32.33
C GLY C 60 25.15 -8.33 31.16
N LYS C 61 24.39 -9.43 31.27
CA LYS C 61 24.33 -10.48 30.23
C LYS C 61 23.14 -10.21 29.30
N LEU C 62 23.32 -10.49 28.01
CA LEU C 62 22.21 -10.24 27.06
C LEU C 62 21.36 -11.50 26.86
N TYR C 63 20.05 -11.28 26.71
CA TYR C 63 19.10 -12.37 26.41
C TYR C 63 18.19 -11.89 25.28
N CYS C 64 17.71 -12.84 24.51
CA CYS C 64 16.84 -12.52 23.35
C CYS C 64 15.64 -13.44 23.38
N LEU C 65 14.43 -12.86 23.42
CA LEU C 65 13.15 -13.60 23.35
C LEU C 65 12.44 -13.15 22.08
N LYS C 66 11.76 -14.08 21.43
CA LYS C 66 10.85 -13.65 20.35
C LYS C 66 9.81 -12.67 20.92
N ASP C 67 9.59 -11.56 20.22
CA ASP C 67 8.61 -10.52 20.62
C ASP C 67 7.24 -10.90 20.04
N ARG C 68 6.74 -12.07 20.40
CA ARG C 68 5.39 -12.53 19.96
C ARG C 68 4.87 -13.49 21.02
N CYS C 69 3.89 -13.07 21.78
CA CYS C 69 3.31 -13.87 22.86
C CYS C 69 2.73 -15.15 22.25
N LEU C 70 2.88 -16.26 22.96
CA LEU C 70 2.37 -17.59 22.51
C LEU C 70 0.85 -17.59 22.47
N HIS C 71 0.24 -16.77 23.28
CA HIS C 71 -1.23 -16.81 23.52
C HIS C 71 -1.99 -16.20 22.35
N ARG C 72 -2.06 -14.87 22.24
CA ARG C 72 -2.78 -14.20 21.12
C ARG C 72 -1.82 -13.47 20.18
N GLY C 73 -0.51 -13.72 20.27
CA GLY C 73 0.42 -13.29 19.21
C GLY C 73 0.69 -11.80 19.21
N VAL C 74 0.50 -11.11 20.33
CA VAL C 74 0.82 -9.68 20.44
C VAL C 74 2.33 -9.50 20.62
N GLN C 75 2.84 -8.35 20.23
CA GLN C 75 4.23 -8.01 20.65
C GLN C 75 4.20 -7.65 22.15
N LEU C 76 5.05 -8.28 22.94
CA LEU C 76 5.11 -7.90 24.37
C LEU C 76 5.63 -6.47 24.50
N SER C 77 6.43 -6.02 23.54
CA SER C 77 7.05 -4.67 23.53
C SER C 77 6.03 -3.56 23.42
N VAL C 78 4.76 -3.84 23.06
CA VAL C 78 3.75 -2.75 23.05
C VAL C 78 3.69 -2.12 24.44
N LYS C 79 3.81 -2.93 25.48
CA LYS C 79 3.83 -2.49 26.89
C LYS C 79 4.69 -3.44 27.70
N VAL C 80 5.98 -3.13 27.78
CA VAL C 80 6.95 -4.00 28.49
C VAL C 80 6.64 -4.01 29.99
N GLU C 81 6.45 -5.20 30.54
CA GLU C 81 6.21 -5.38 31.99
C GLU C 81 7.26 -6.39 32.49
N CYS C 82 8.42 -5.93 32.97
CA CYS C 82 9.41 -6.84 33.58
C CYS C 82 9.27 -6.70 35.09
N LYS C 83 8.56 -7.65 35.69
CA LYS C 83 8.07 -7.54 37.07
C LYS C 83 9.07 -8.20 38.02
N THR C 84 9.91 -9.08 37.50
CA THR C 84 11.12 -9.61 38.20
C THR C 84 12.33 -9.51 37.29
N LYS C 85 13.51 -9.52 37.90
CA LYS C 85 14.76 -9.33 37.15
C LYS C 85 14.82 -10.35 36.00
N SER C 86 14.34 -11.57 36.22
CA SER C 86 14.59 -12.75 35.39
C SER C 86 13.43 -13.02 34.39
N THR C 87 12.37 -12.22 34.44
CA THR C 87 11.14 -12.53 33.64
C THR C 87 10.63 -11.31 32.88
N ILE C 88 9.76 -11.60 31.92
CA ILE C 88 8.85 -10.58 31.32
C ILE C 88 7.42 -11.16 31.32
N THR C 89 6.51 -10.27 31.61
CA THR C 89 5.07 -10.55 31.70
C THR C 89 4.35 -9.86 30.53
N CYS C 90 3.67 -10.65 29.72
CA CYS C 90 2.85 -10.06 28.61
C CYS C 90 1.82 -9.14 29.24
N TRP C 91 1.65 -7.96 28.65
CA TRP C 91 0.74 -6.90 29.11
C TRP C 91 -0.73 -7.37 29.01
N TYR C 92 -1.01 -8.40 28.21
CA TYR C 92 -2.42 -8.70 27.80
C TYR C 92 -3.05 -9.62 28.85
N HIS C 93 -2.60 -10.85 29.01
CA HIS C 93 -3.18 -11.80 30.01
C HIS C 93 -2.09 -12.25 30.96
N ALA C 94 -0.99 -11.50 31.01
CA ALA C 94 0.12 -11.70 31.97
C ALA C 94 0.76 -13.09 31.90
N TRP C 95 0.82 -13.77 30.75
CA TRP C 95 1.69 -14.93 30.51
C TRP C 95 3.14 -14.48 30.75
N THR C 96 3.87 -15.20 31.59
CA THR C 96 5.14 -14.71 32.16
C THR C 96 6.25 -15.67 31.75
N TYR C 97 7.28 -15.14 31.09
CA TYR C 97 8.35 -15.92 30.44
C TYR C 97 9.70 -15.62 31.08
N ARG C 98 10.51 -16.67 31.18
CA ARG C 98 11.92 -16.53 31.63
C ARG C 98 12.76 -16.06 30.46
N TRP C 99 13.53 -15.00 30.65
CA TRP C 99 14.52 -14.59 29.63
C TRP C 99 15.52 -15.71 29.33
N GLU C 100 15.93 -16.51 30.33
CA GLU C 100 17.06 -17.46 30.12
C GLU C 100 16.68 -18.60 29.20
N ASP C 101 15.46 -19.12 29.26
CA ASP C 101 15.09 -20.30 28.47
C ASP C 101 13.69 -20.19 27.82
N GLY C 102 13.06 -19.04 27.94
CA GLY C 102 11.77 -18.76 27.27
C GLY C 102 10.63 -19.51 27.91
N VAL C 103 10.87 -20.25 29.00
CA VAL C 103 9.80 -21.08 29.59
C VAL C 103 8.70 -20.22 30.18
N LEU C 104 7.46 -20.63 29.90
CA LEU C 104 6.26 -20.00 30.48
C LEU C 104 6.18 -20.45 31.94
N CYS C 105 6.59 -19.58 32.85
CA CYS C 105 6.88 -20.01 34.24
C CYS C 105 5.72 -19.62 35.16
N ASP C 106 4.83 -18.72 34.71
CA ASP C 106 3.71 -18.21 35.54
C ASP C 106 2.66 -17.58 34.61
N ILE C 107 1.40 -17.53 35.03
CA ILE C 107 0.39 -16.66 34.37
C ILE C 107 -0.35 -15.92 35.47
N LEU C 108 -0.23 -14.60 35.58
CA LEU C 108 -0.78 -13.84 36.72
C LEU C 108 -2.33 -13.91 36.71
N THR C 109 -2.94 -14.03 35.54
CA THR C 109 -4.43 -14.04 35.39
C THR C 109 -4.98 -15.43 35.70
N ASN C 110 -4.15 -16.45 35.78
CA ASN C 110 -4.59 -17.82 36.12
C ASN C 110 -3.39 -18.63 36.59
N PRO C 111 -3.02 -18.51 37.90
CA PRO C 111 -1.89 -19.28 38.42
C PRO C 111 -2.13 -20.79 38.45
N THR C 112 -3.31 -21.28 38.07
CA THR C 112 -3.64 -22.72 38.08
C THR C 112 -3.62 -23.29 36.67
N SER C 113 -3.30 -22.48 35.66
CA SER C 113 -3.35 -22.90 34.25
C SER C 113 -2.52 -24.15 34.00
N ALA C 114 -3.04 -25.09 33.20
CA ALA C 114 -2.28 -26.25 32.69
C ALA C 114 -1.20 -25.81 31.70
N GLN C 115 -1.18 -24.57 31.23
CA GLN C 115 -0.12 -24.17 30.27
C GLN C 115 1.22 -23.95 31.01
N ILE C 116 1.18 -23.59 32.28
CA ILE C 116 2.41 -23.22 33.04
C ILE C 116 3.39 -24.41 33.04
N GLY C 117 4.65 -24.16 32.67
CA GLY C 117 5.70 -25.18 32.61
C GLY C 117 5.56 -26.06 31.39
N ARG C 118 4.56 -25.85 30.51
CA ARG C 118 4.27 -26.76 29.38
C ARG C 118 4.45 -26.00 28.07
N GLN C 119 4.99 -24.79 28.10
CA GLN C 119 5.20 -24.04 26.84
C GLN C 119 6.51 -23.26 26.98
N LYS C 120 7.12 -22.93 25.85
CA LYS C 120 8.21 -21.94 25.92
C LYS C 120 8.23 -21.06 24.66
N LEU C 121 8.48 -19.79 24.91
CA LEU C 121 8.69 -18.80 23.85
C LEU C 121 10.05 -19.05 23.21
N LYS C 122 10.18 -18.92 21.90
CA LYS C 122 11.48 -19.04 21.23
C LYS C 122 12.47 -18.05 21.81
N THR C 123 13.69 -18.50 22.07
CA THR C 123 14.86 -17.66 22.46
C THR C 123 15.94 -17.81 21.39
N TYR C 124 16.82 -16.82 21.31
CA TYR C 124 17.98 -16.91 20.39
C TYR C 124 19.23 -16.57 21.20
N PRO C 125 20.34 -17.30 20.95
CA PRO C 125 21.58 -16.93 21.61
C PRO C 125 22.00 -15.50 21.27
N VAL C 126 22.65 -14.84 22.22
CA VAL C 126 23.22 -13.48 22.02
C VAL C 126 24.65 -13.47 22.51
N GLN C 127 25.52 -12.84 21.75
CA GLN C 127 26.96 -12.76 22.16
C GLN C 127 27.44 -11.36 21.84
N GLU C 128 28.12 -10.74 22.78
CA GLU C 128 28.71 -9.42 22.52
C GLU C 128 30.20 -9.61 22.24
N ALA C 129 30.70 -8.99 21.21
CA ALA C 129 32.14 -9.05 20.84
C ALA C 129 32.49 -7.72 20.21
N LYS C 130 33.59 -7.12 20.66
CA LYS C 130 34.10 -5.88 20.04
CA LYS C 130 34.11 -5.87 20.05
C LYS C 130 33.03 -4.77 20.12
N GLY C 131 32.21 -4.77 21.16
CA GLY C 131 31.24 -3.69 21.36
C GLY C 131 30.01 -3.85 20.49
N CYS C 132 29.88 -4.99 19.84
CA CYS C 132 28.80 -5.29 18.87
C CYS C 132 27.94 -6.42 19.43
N VAL C 133 26.64 -6.31 19.24
CA VAL C 133 25.68 -7.31 19.74
C VAL C 133 25.33 -8.25 18.57
N PHE C 134 25.60 -9.53 18.70
CA PHE C 134 25.33 -10.54 17.65
C PHE C 134 24.23 -11.44 18.20
N ILE C 135 23.25 -11.72 17.35
CA ILE C 135 22.17 -12.68 17.65
C ILE C 135 22.34 -13.85 16.71
N TYR C 136 22.29 -15.05 17.24
CA TYR C 136 22.25 -16.29 16.44
C TYR C 136 20.81 -16.58 16.06
N LEU C 137 20.41 -16.17 14.86
CA LEU C 137 19.03 -16.29 14.35
C LEU C 137 18.98 -17.70 13.74
N GLY C 138 18.80 -18.65 14.64
CA GLY C 138 18.80 -20.09 14.27
C GLY C 138 18.46 -20.99 15.42
N ASP C 139 18.53 -22.28 15.13
CA ASP C 139 17.98 -23.36 15.99
C ASP C 139 19.14 -24.15 16.58
N GLY C 140 19.02 -24.48 17.85
CA GLY C 140 20.01 -25.33 18.52
C GLY C 140 21.22 -24.54 18.97
N ASP C 141 22.17 -25.25 19.54
CA ASP C 141 23.38 -24.62 20.09
CA ASP C 141 23.39 -24.61 20.10
C ASP C 141 24.14 -24.01 18.93
N PRO C 142 24.59 -22.76 19.08
CA PRO C 142 25.23 -22.09 17.96
C PRO C 142 26.66 -22.53 17.75
N PRO C 143 27.22 -22.23 16.56
CA PRO C 143 28.64 -22.32 16.29
C PRO C 143 29.40 -21.17 16.93
N PRO C 144 30.74 -21.24 17.00
CA PRO C 144 31.52 -20.08 17.41
C PRO C 144 31.22 -18.87 16.53
N LEU C 145 31.21 -17.69 17.16
CA LEU C 145 30.96 -16.43 16.42
C LEU C 145 31.98 -16.30 15.30
N ALA C 146 33.23 -16.74 15.53
CA ALA C 146 34.30 -16.61 14.54
C ALA C 146 33.86 -17.13 13.17
N ARG C 147 33.00 -18.15 13.11
CA ARG C 147 32.61 -18.79 11.84
C ARG C 147 31.93 -17.77 10.92
N ASP C 148 31.19 -16.84 11.54
CA ASP C 148 30.34 -15.85 10.83
C ASP C 148 30.92 -14.43 10.90
N THR C 149 32.20 -14.26 11.19
CA THR C 149 32.87 -12.95 11.14
C THR C 149 34.05 -13.08 10.19
N PRO C 150 34.46 -12.00 9.51
CA PRO C 150 35.63 -12.10 8.65
C PRO C 150 36.88 -12.29 9.47
N PRO C 151 37.93 -12.82 8.83
CA PRO C 151 39.22 -12.95 9.50
C PRO C 151 39.65 -11.60 10.08
N ASN C 152 40.20 -11.62 11.30
CA ASN C 152 40.84 -10.47 12.00
C ASN C 152 39.84 -9.63 12.78
N PHE C 153 38.53 -9.80 12.54
CA PHE C 153 37.54 -8.97 13.26
C PHE C 153 37.65 -9.21 14.77
N LEU C 154 37.91 -10.45 15.20
CA LEU C 154 37.92 -10.85 16.62
C LEU C 154 39.35 -10.84 17.19
N ASP C 155 40.34 -10.38 16.42
CA ASP C 155 41.75 -10.31 16.94
C ASP C 155 41.74 -9.52 18.25
N ASP C 156 42.53 -9.99 19.23
CA ASP C 156 42.58 -9.38 20.59
C ASP C 156 42.80 -7.87 20.48
N ASP C 157 43.76 -7.41 19.66
CA ASP C 157 44.16 -5.97 19.63
C ASP C 157 43.31 -5.13 18.67
N MET C 158 42.38 -5.73 17.95
CA MET C 158 41.65 -5.00 16.88
C MET C 158 40.54 -4.21 17.58
N GLU C 159 40.64 -2.91 17.57
CA GLU C 159 39.62 -2.03 18.18
C GLU C 159 38.56 -1.75 17.10
N ILE C 160 37.30 -2.01 17.43
CA ILE C 160 36.17 -1.83 16.45
C ILE C 160 35.33 -0.61 16.84
N LEU C 161 35.08 0.25 15.87
CA LEU C 161 34.13 1.37 16.03
C LEU C 161 33.20 1.38 14.83
N GLY C 162 32.00 1.91 14.97
CA GLY C 162 31.07 1.73 13.85
C GLY C 162 29.86 2.62 13.90
N LYS C 163 28.98 2.34 12.94
CA LYS C 163 27.71 3.06 12.73
CA LYS C 163 27.72 3.07 12.68
C LYS C 163 26.70 2.04 12.22
N ASN C 164 25.44 2.20 12.60
CA ASN C 164 24.39 1.29 12.12
C ASN C 164 23.23 2.15 11.64
N GLN C 165 22.60 1.73 10.58
CA GLN C 165 21.34 2.37 10.15
C GLN C 165 20.50 1.37 9.32
N ILE C 166 19.23 1.70 9.21
CA ILE C 166 18.24 0.88 8.47
C ILE C 166 18.13 1.45 7.07
N ILE C 167 18.32 0.59 6.08
CA ILE C 167 18.30 0.95 4.64
C ILE C 167 17.21 0.15 3.92
N LYS C 168 16.46 0.83 3.08
CA LYS C 168 15.31 0.26 2.36
C LYS C 168 15.78 -0.37 1.06
N SER C 169 16.55 -1.43 1.18
CA SER C 169 16.74 -2.43 0.10
C SER C 169 16.84 -3.81 0.71
N ASN C 170 16.53 -4.79 -0.10
CA ASN C 170 16.89 -6.17 0.22
C ASN C 170 18.39 -6.27 0.50
N TRP C 171 18.71 -7.12 1.47
CA TRP C 171 20.09 -7.35 1.92
C TRP C 171 21.00 -7.79 0.75
N ARG C 172 20.51 -8.58 -0.21
CA ARG C 172 21.39 -9.10 -1.27
C ARG C 172 21.82 -7.98 -2.20
N LEU C 173 20.97 -6.99 -2.45
CA LEU C 173 21.34 -5.83 -3.29
C LEU C 173 22.51 -5.12 -2.60
N ALA C 174 22.47 -5.05 -1.27
CA ALA C 174 23.56 -4.43 -0.46
C ALA C 174 24.86 -5.22 -0.56
N VAL C 175 24.78 -6.55 -0.38
CA VAL C 175 25.96 -7.42 -0.45
C VAL C 175 26.61 -7.23 -1.81
N GLU C 176 25.82 -7.31 -2.90
CA GLU C 176 26.38 -7.31 -4.27
C GLU C 176 27.02 -5.95 -4.52
N ASN C 177 26.38 -4.88 -4.05
CA ASN C 177 26.92 -3.51 -4.20
C ASN C 177 28.26 -3.46 -3.47
N GLY C 178 28.36 -4.06 -2.30
CA GLY C 178 29.61 -4.05 -1.52
C GLY C 178 30.73 -4.76 -2.29
N PHE C 179 30.41 -5.93 -2.87
CA PHE C 179 31.45 -6.83 -3.40
C PHE C 179 31.73 -6.57 -4.88
N ASP C 180 30.96 -5.70 -5.49
CA ASP C 180 31.03 -5.47 -6.95
C ASP C 180 32.29 -4.74 -7.35
N PRO C 181 33.20 -5.35 -8.15
CA PRO C 181 34.45 -4.68 -8.45
C PRO C 181 34.36 -3.39 -9.28
N SER C 182 33.35 -3.27 -10.15
CA SER C 182 33.24 -2.15 -11.10
C SER C 182 32.43 -1.00 -10.50
N HIS C 183 31.75 -1.21 -9.38
CA HIS C 183 30.81 -0.21 -8.89
C HIS C 183 31.62 0.98 -8.36
N ILE C 184 32.94 0.84 -8.19
CA ILE C 184 33.75 1.94 -7.62
C ILE C 184 33.65 3.20 -8.48
N TYR C 185 33.15 3.09 -9.71
CA TYR C 185 32.82 4.21 -10.60
C TYR C 185 31.96 5.23 -9.82
N ILE C 186 31.03 4.75 -8.99
CA ILE C 186 30.13 5.68 -8.24
C ILE C 186 30.89 6.48 -7.19
N HIS C 187 32.11 6.09 -6.82
CA HIS C 187 32.86 6.70 -5.70
C HIS C 187 33.87 7.72 -6.24
N LYS C 188 33.88 7.95 -7.53
CA LYS C 188 34.95 8.77 -8.20
C LYS C 188 34.96 10.20 -7.67
N ASP C 189 33.85 10.73 -7.19
CA ASP C 189 33.84 12.13 -6.67
C ASP C 189 33.82 12.19 -5.15
N SER C 190 34.07 11.09 -4.45
CA SER C 190 33.94 11.00 -2.98
C SER C 190 34.90 12.00 -2.30
N ILE C 191 34.42 12.67 -1.26
CA ILE C 191 35.30 13.52 -0.40
C ILE C 191 36.46 12.67 0.13
N LEU C 192 36.30 11.39 0.49
CA LEU C 192 37.40 10.55 1.01
C LEU C 192 38.48 10.46 -0.08
N VAL C 193 38.09 10.31 -1.35
CA VAL C 193 39.07 10.10 -2.45
C VAL C 193 39.92 11.37 -2.60
N LYS C 194 39.24 12.51 -2.67
CA LYS C 194 39.80 13.89 -2.83
C LYS C 194 40.63 14.22 -1.58
N ASP C 195 40.05 14.05 -0.40
CA ASP C 195 40.65 14.65 0.82
C ASP C 195 41.70 13.73 1.44
N ASN C 196 41.62 12.41 1.24
CA ASN C 196 42.58 11.43 1.79
C ASN C 196 43.51 10.93 0.69
N ASP C 197 43.55 11.61 -0.46
CA ASP C 197 44.56 11.40 -1.53
C ASP C 197 44.58 9.93 -1.92
N LEU C 198 43.42 9.31 -2.15
CA LEU C 198 43.37 7.89 -2.55
C LEU C 198 43.65 7.74 -4.04
N ALA C 199 44.33 6.64 -4.36
CA ALA C 199 44.40 6.10 -5.73
C ALA C 199 43.09 5.31 -5.94
N LEU C 200 42.35 5.68 -6.95
CA LEU C 200 41.05 4.98 -7.24
C LEU C 200 40.83 4.95 -8.74
N PRO C 201 40.92 3.76 -9.36
CA PRO C 201 40.59 3.60 -10.75
C PRO C 201 39.08 3.82 -10.95
N LEU C 202 38.70 3.95 -12.19
CA LEU C 202 37.26 3.94 -12.61
C LEU C 202 36.78 2.51 -12.65
N GLY C 203 37.69 1.55 -12.86
CA GLY C 203 37.31 0.12 -13.02
C GLY C 203 38.54 -0.68 -13.42
N PHE C 204 38.31 -1.88 -13.95
CA PHE C 204 39.37 -2.83 -14.32
C PHE C 204 39.03 -3.51 -15.63
N ALA C 205 40.03 -3.70 -16.46
CA ALA C 205 39.91 -4.58 -17.63
C ALA C 205 40.45 -5.94 -17.18
N PRO C 206 39.61 -6.96 -16.99
CA PRO C 206 40.04 -8.23 -16.43
C PRO C 206 41.10 -8.93 -17.28
N GLY C 207 41.96 -9.70 -16.62
CA GLY C 207 42.93 -10.59 -17.30
C GLY C 207 42.86 -12.00 -16.74
N GLY C 208 43.30 -13.01 -17.50
CA GLY C 208 43.31 -14.42 -17.07
C GLY C 208 41.95 -15.07 -17.19
N ASP C 209 41.82 -16.30 -16.67
CA ASP C 209 40.58 -17.14 -16.79
C ASP C 209 39.55 -16.68 -15.77
N ARG C 210 38.29 -17.12 -15.94
CA ARG C 210 37.17 -16.86 -15.00
C ARG C 210 37.57 -17.33 -13.60
N LYS C 211 38.16 -18.54 -13.48
CA LYS C 211 38.54 -19.14 -12.18
C LYS C 211 39.54 -18.22 -11.46
N GLN C 212 40.37 -17.51 -12.22
CA GLN C 212 41.46 -16.66 -11.69
C GLN C 212 40.90 -15.33 -11.14
N GLN C 213 39.62 -15.02 -11.37
CA GLN C 213 39.09 -13.68 -10.97
C GLN C 213 38.72 -13.64 -9.49
N THR C 214 38.66 -14.79 -8.82
CA THR C 214 38.29 -14.91 -7.39
C THR C 214 39.11 -16.01 -6.73
N ARG C 215 39.10 -16.03 -5.40
CA ARG C 215 39.62 -17.15 -4.58
C ARG C 215 38.53 -17.48 -3.56
N VAL C 216 37.94 -18.67 -3.69
CA VAL C 216 36.91 -19.18 -2.76
C VAL C 216 37.63 -19.73 -1.53
N VAL C 217 37.28 -19.22 -0.34
CA VAL C 217 37.74 -19.74 0.96
C VAL C 217 36.61 -20.61 1.51
N ASP C 218 36.65 -21.93 1.28
CA ASP C 218 35.61 -22.88 1.75
C ASP C 218 36.25 -23.78 2.80
N ASP C 219 37.49 -23.44 3.14
CA ASP C 219 38.50 -24.33 3.75
C ASP C 219 39.12 -23.63 4.94
N ASP C 220 38.42 -22.68 5.56
CA ASP C 220 38.99 -21.91 6.69
C ASP C 220 38.82 -22.79 7.94
N VAL C 221 39.75 -22.67 8.90
CA VAL C 221 39.98 -23.61 10.05
C VAL C 221 38.80 -23.54 11.01
N VAL C 222 38.15 -22.37 11.13
CA VAL C 222 37.01 -22.13 12.05
C VAL C 222 35.69 -22.26 11.25
N GLY C 223 35.76 -22.61 9.96
CA GLY C 223 34.57 -22.88 9.14
C GLY C 223 34.04 -21.64 8.42
N ARG C 224 34.78 -20.53 8.37
CA ARG C 224 34.35 -19.33 7.57
C ARG C 224 34.24 -19.69 6.10
N LYS C 225 33.30 -19.08 5.41
CA LYS C 225 33.03 -19.30 3.97
C LYS C 225 33.04 -17.94 3.29
N GLY C 226 33.96 -17.70 2.38
CA GLY C 226 33.98 -16.39 1.69
C GLY C 226 34.66 -16.42 0.34
N VAL C 227 34.63 -15.28 -0.34
CA VAL C 227 35.26 -15.11 -1.68
C VAL C 227 36.14 -13.87 -1.63
N TYR C 228 37.40 -13.97 -2.05
CA TYR C 228 38.23 -12.78 -2.37
C TYR C 228 38.04 -12.38 -3.83
N ASP C 229 37.88 -11.07 -4.03
CA ASP C 229 37.89 -10.43 -5.37
C ASP C 229 39.33 -10.27 -5.84
N LEU C 230 39.75 -10.98 -6.89
CA LEU C 230 41.13 -10.85 -7.42
C LEU C 230 41.15 -10.08 -8.74
N ILE C 231 40.13 -9.31 -9.07
CA ILE C 231 40.10 -8.63 -10.40
C ILE C 231 41.38 -7.79 -10.59
N GLY C 232 41.93 -7.16 -9.55
CA GLY C 232 43.16 -6.34 -9.65
C GLY C 232 44.45 -7.15 -9.70
N GLU C 233 44.42 -8.48 -9.65
CA GLU C 233 45.66 -9.29 -9.71
C GLU C 233 46.11 -9.31 -11.16
N HIS C 234 45.29 -9.84 -12.07
CA HIS C 234 45.63 -9.83 -13.51
C HIS C 234 45.15 -8.50 -14.12
N GLY C 235 44.23 -7.79 -13.44
CA GLY C 235 43.40 -6.76 -14.12
C GLY C 235 44.21 -5.53 -14.42
N VAL C 236 43.88 -4.85 -15.50
CA VAL C 236 44.51 -3.56 -15.87
C VAL C 236 43.60 -2.46 -15.35
N PRO C 237 44.06 -1.60 -14.42
CA PRO C 237 43.21 -0.53 -13.90
C PRO C 237 42.89 0.49 -14.98
N VAL C 238 41.65 0.95 -14.98
CA VAL C 238 41.21 2.01 -15.91
C VAL C 238 41.29 3.34 -15.16
N PHE C 239 42.20 4.24 -15.58
CA PHE C 239 42.29 5.64 -15.09
C PHE C 239 41.85 6.64 -16.16
N GLU C 240 41.69 6.23 -17.41
CA GLU C 240 41.24 7.14 -18.50
C GLU C 240 40.01 6.51 -19.13
N GLY C 241 38.82 6.98 -18.73
CA GLY C 241 37.56 6.54 -19.31
C GLY C 241 37.31 7.20 -20.64
N THR C 242 37.05 6.41 -21.68
CA THR C 242 36.90 6.94 -23.05
C THR C 242 35.51 6.63 -23.59
N ILE C 243 35.02 7.60 -24.35
CA ILE C 243 33.84 7.42 -25.24
C ILE C 243 34.27 7.78 -26.64
N GLY C 244 34.11 6.84 -27.56
CA GLY C 244 34.52 7.04 -28.96
C GLY C 244 36.00 7.38 -29.02
N GLY C 245 36.78 6.79 -28.13
CA GLY C 245 38.24 6.99 -27.98
C GLY C 245 38.64 8.36 -27.42
N GLU C 246 37.70 9.22 -27.05
CA GLU C 246 38.01 10.52 -26.40
C GLU C 246 38.00 10.32 -24.89
N VAL C 247 38.95 10.89 -24.17
CA VAL C 247 38.93 10.79 -22.69
C VAL C 247 37.87 11.75 -22.17
N VAL C 248 36.92 11.24 -21.40
CA VAL C 248 35.81 12.07 -20.85
C VAL C 248 35.89 12.07 -19.33
N ARG C 249 36.64 11.16 -18.73
CA ARG C 249 36.73 11.15 -17.26
C ARG C 249 38.02 10.44 -16.83
N GLU C 250 38.70 10.94 -15.81
CA GLU C 250 39.88 10.23 -15.26
C GLU C 250 39.56 9.70 -13.87
N GLY C 251 40.28 8.63 -13.49
CA GLY C 251 40.33 8.13 -12.13
C GLY C 251 41.10 9.09 -11.24
N ALA C 252 41.29 8.71 -10.00
CA ALA C 252 41.95 9.53 -8.97
C ALA C 252 43.41 9.07 -8.84
N TYR C 253 44.35 9.99 -9.07
CA TYR C 253 45.80 9.67 -9.10
C TYR C 253 46.48 9.96 -7.76
N GLY C 254 45.85 9.61 -6.64
CA GLY C 254 46.37 9.85 -5.30
C GLY C 254 47.51 8.93 -4.92
N GLU C 255 48.23 9.27 -3.86
CA GLU C 255 49.43 8.53 -3.42
C GLU C 255 49.03 7.32 -2.55
N LYS C 256 47.88 7.34 -1.87
CA LYS C 256 47.53 6.31 -0.85
C LYS C 256 46.84 5.10 -1.50
N ILE C 257 47.36 3.91 -1.24
CA ILE C 257 46.89 2.60 -1.79
C ILE C 257 46.08 1.84 -0.74
N VAL C 258 44.82 1.59 -1.05
CA VAL C 258 43.88 0.93 -0.11
C VAL C 258 43.17 -0.18 -0.89
N ALA C 259 42.47 -1.03 -0.16
CA ALA C 259 41.60 -2.09 -0.70
C ALA C 259 42.45 -3.08 -1.52
N ASN C 260 43.62 -3.46 -1.00
CA ASN C 260 44.45 -4.56 -1.57
C ASN C 260 43.63 -5.87 -1.53
N ASP C 261 42.92 -6.16 -0.43
CA ASP C 261 42.21 -7.43 -0.22
C ASP C 261 40.75 -7.05 0.01
N ILE C 262 39.86 -7.57 -0.80
CA ILE C 262 38.40 -7.34 -0.65
C ILE C 262 37.76 -8.72 -0.63
N SER C 263 37.05 -9.03 0.44
CA SER C 263 36.42 -10.37 0.53
C SER C 263 34.99 -10.20 1.05
N ILE C 264 34.11 -11.11 0.63
CA ILE C 264 32.72 -11.22 1.13
C ILE C 264 32.60 -12.57 1.84
N TRP C 265 31.94 -12.60 2.97
CA TRP C 265 31.81 -13.79 3.84
C TRP C 265 30.35 -14.06 4.15
N LEU C 266 29.97 -15.33 4.18
CA LEU C 266 28.68 -15.67 4.85
C LEU C 266 28.71 -15.20 6.29
N PRO C 267 27.58 -14.71 6.84
CA PRO C 267 26.28 -14.69 6.14
C PRO C 267 25.97 -13.49 5.25
N GLY C 268 26.91 -12.54 5.20
CA GLY C 268 26.85 -11.37 4.32
C GLY C 268 27.62 -10.23 4.96
N VAL C 269 28.94 -10.34 5.00
CA VAL C 269 29.82 -9.31 5.62
C VAL C 269 31.05 -9.12 4.72
N LEU C 270 31.31 -7.88 4.38
CA LEU C 270 32.43 -7.46 3.51
C LEU C 270 33.62 -7.08 4.38
N LYS C 271 34.83 -7.47 3.97
CA LYS C 271 36.10 -7.03 4.59
C LYS C 271 36.94 -6.35 3.53
N VAL C 272 37.36 -5.12 3.78
CA VAL C 272 38.21 -4.36 2.84
C VAL C 272 39.47 -3.99 3.62
N ASN C 273 40.63 -4.45 3.13
CA ASN C 273 41.90 -4.32 3.88
C ASN C 273 42.98 -3.82 2.93
N PRO C 274 43.66 -2.70 3.20
CA PRO C 274 43.27 -1.75 4.25
C PRO C 274 42.25 -0.76 3.71
N PHE C 275 41.49 -0.15 4.62
CA PHE C 275 40.51 0.90 4.27
C PHE C 275 39.98 1.49 5.56
N PRO C 276 39.71 2.80 5.64
CA PRO C 276 39.90 3.79 4.59
C PRO C 276 41.32 4.39 4.60
N ASN C 277 42.17 3.90 5.49
CA ASN C 277 43.59 4.33 5.60
C ASN C 277 44.46 3.08 5.65
N PRO C 278 45.78 3.16 5.31
CA PRO C 278 46.57 1.94 5.23
C PRO C 278 46.74 0.99 6.43
N ASP C 279 46.43 1.40 7.67
CA ASP C 279 46.55 0.51 8.85
C ASP C 279 45.19 0.22 9.47
N MET C 280 44.12 0.46 8.72
CA MET C 280 42.75 0.14 9.21
C MET C 280 42.10 -0.88 8.27
N MET C 281 41.05 -1.53 8.77
CA MET C 281 40.20 -2.44 7.97
C MET C 281 38.75 -1.99 8.10
N GLN C 282 37.94 -2.18 7.06
CA GLN C 282 36.47 -1.96 7.14
C GLN C 282 35.79 -3.33 7.09
N PHE C 283 34.93 -3.58 8.06
CA PHE C 283 34.07 -4.80 8.07
C PHE C 283 32.63 -4.28 8.04
N GLU C 284 31.85 -4.61 7.02
CA GLU C 284 30.46 -4.13 7.04
C GLU C 284 29.49 -5.27 6.73
N TRP C 285 28.41 -5.31 7.50
CA TRP C 285 27.34 -6.32 7.38
C TRP C 285 26.11 -5.71 6.73
N TYR C 286 25.39 -6.56 6.03
CA TYR C 286 24.12 -6.17 5.37
C TYR C 286 23.09 -7.15 5.92
N VAL C 287 22.47 -6.78 7.04
CA VAL C 287 21.71 -7.72 7.87
C VAL C 287 20.25 -7.69 7.45
N PRO C 288 19.67 -8.84 7.06
CA PRO C 288 18.27 -8.82 6.65
C PRO C 288 17.31 -8.51 7.81
N ILE C 289 16.43 -7.51 7.59
CA ILE C 289 15.37 -7.11 8.52
C ILE C 289 14.07 -7.74 8.00
N ASP C 290 13.77 -7.51 6.74
CA ASP C 290 12.63 -8.15 6.07
C ASP C 290 12.95 -8.19 4.58
N GLU C 291 11.99 -8.52 3.75
CA GLU C 291 12.24 -8.68 2.31
C GLU C 291 12.79 -7.37 1.71
N ASN C 292 12.50 -6.21 2.30
CA ASN C 292 12.68 -4.88 1.66
C ASN C 292 13.75 -4.04 2.39
N THR C 293 14.32 -4.55 3.48
CA THR C 293 15.05 -3.70 4.43
C THR C 293 16.28 -4.43 4.94
N HIS C 294 17.35 -3.70 5.23
CA HIS C 294 18.53 -4.27 5.92
C HIS C 294 19.10 -3.30 6.96
N TYR C 295 19.84 -3.84 7.93
CA TYR C 295 20.78 -3.00 8.71
C TYR C 295 22.08 -2.91 7.93
N TYR C 296 22.55 -1.71 7.75
CA TYR C 296 23.87 -1.45 7.15
C TYR C 296 24.79 -1.25 8.35
N PHE C 297 25.43 -2.31 8.81
CA PHE C 297 26.17 -2.33 10.07
C PHE C 297 27.64 -2.17 9.70
N GLN C 298 28.14 -0.94 9.82
CA GLN C 298 29.48 -0.59 9.33
C GLN C 298 30.41 -0.60 10.52
N THR C 299 31.61 -1.13 10.34
CA THR C 299 32.64 -1.03 11.38
C THR C 299 33.99 -0.77 10.74
N LEU C 300 34.82 -0.07 11.50
CA LEU C 300 36.25 0.21 11.14
C LEU C 300 37.09 -0.36 12.27
N GLY C 301 38.09 -1.16 11.90
CA GLY C 301 39.01 -1.78 12.85
C GLY C 301 40.38 -1.16 12.73
N LYS C 302 41.00 -0.89 13.89
CA LYS C 302 42.44 -0.54 13.94
C LYS C 302 43.09 -1.28 15.09
N PRO C 303 44.23 -1.98 14.89
CA PRO C 303 44.92 -2.56 16.03
C PRO C 303 45.41 -1.46 16.98
N CYS C 304 45.16 -1.64 18.27
CA CYS C 304 45.57 -0.72 19.37
C CYS C 304 46.21 -1.58 20.48
N ALA C 305 47.41 -1.22 20.92
CA ALA C 305 48.16 -1.96 21.97
C ALA C 305 47.54 -1.81 23.36
N ASN C 306 46.99 -0.65 23.69
CA ASN C 306 46.60 -0.33 25.10
C ASN C 306 45.51 0.72 25.10
N ASP C 307 45.02 1.06 26.29
CA ASP C 307 43.92 2.04 26.55
C ASP C 307 44.26 3.35 25.82
N GLU C 308 45.52 3.75 25.80
CA GLU C 308 45.90 5.08 25.22
C GLU C 308 45.75 5.05 23.69
N GLU C 309 46.11 3.94 23.04
CA GLU C 309 45.96 3.86 21.57
C GLU C 309 44.46 3.81 21.25
N ARG C 310 43.69 3.10 22.07
CA ARG C 310 42.21 2.98 21.96
CA ARG C 310 42.23 2.99 21.89
C ARG C 310 41.62 4.41 21.89
N LYS C 311 42.04 5.27 22.82
CA LYS C 311 41.45 6.63 22.93
C LYS C 311 41.82 7.50 21.72
N LYS C 312 43.05 7.40 21.22
CA LYS C 312 43.45 8.18 20.03
C LYS C 312 42.57 7.72 18.85
N TYR C 313 42.35 6.43 18.72
CA TYR C 313 41.59 5.89 17.56
C TYR C 313 40.12 6.39 17.64
N GLU C 314 39.54 6.39 18.85
CA GLU C 314 38.16 6.87 19.09
C GLU C 314 38.07 8.33 18.62
N GLN C 315 39.09 9.13 18.89
CA GLN C 315 39.09 10.56 18.48
C GLN C 315 39.15 10.70 16.96
N GLU C 316 40.04 9.97 16.27
CA GLU C 316 40.12 10.15 14.80
C GLU C 316 38.90 9.51 14.12
N PHE C 317 38.28 8.51 14.74
CA PHE C 317 37.02 7.91 14.20
C PHE C 317 35.95 9.01 14.15
N GLU C 318 35.78 9.74 15.25
CA GLU C 318 34.70 10.74 15.39
C GLU C 318 34.96 11.93 14.48
N SER C 319 36.20 12.40 14.39
CA SER C 319 36.51 13.66 13.68
C SER C 319 36.80 13.40 12.21
N LYS C 320 37.24 12.19 11.83
CA LYS C 320 37.67 11.94 10.45
C LYS C 320 36.92 10.76 9.82
N TRP C 321 37.10 9.57 10.35
CA TRP C 321 36.73 8.33 9.60
C TRP C 321 35.22 8.17 9.49
N LYS C 322 34.45 8.38 10.56
CA LYS C 322 32.98 8.29 10.47
C LYS C 322 32.49 9.27 9.41
N PRO C 323 32.75 10.60 9.53
CA PRO C 323 32.19 11.53 8.56
C PRO C 323 32.76 11.42 7.13
N MET C 324 34.05 11.21 6.99
CA MET C 324 34.71 11.24 5.67
C MET C 324 34.49 9.90 4.95
N ALA C 325 34.53 8.80 5.68
CA ALA C 325 34.52 7.44 5.05
C ALA C 325 33.15 6.81 5.25
N LEU C 326 32.73 6.55 6.47
CA LEU C 326 31.45 5.77 6.65
C LEU C 326 30.27 6.55 6.08
N GLU C 327 30.34 7.89 6.09
CA GLU C 327 29.34 8.76 5.42
C GLU C 327 29.85 9.27 4.06
N GLY C 328 30.94 10.02 4.01
CA GLY C 328 31.41 10.67 2.78
C GLY C 328 31.71 9.69 1.64
N PHE C 329 32.02 8.43 1.94
CA PHE C 329 32.30 7.43 0.88
C PHE C 329 31.06 6.56 0.71
N ASN C 330 30.58 5.94 1.79
CA ASN C 330 29.54 4.89 1.64
C ASN C 330 28.13 5.45 1.42
N ASN C 331 27.89 6.74 1.63
CA ASN C 331 26.55 7.30 1.34
C ASN C 331 26.16 7.02 -0.09
N ASP C 332 27.08 7.06 -1.05
CA ASP C 332 26.69 6.80 -2.44
C ASP C 332 26.26 5.32 -2.59
N ASP C 333 26.82 4.43 -1.79
CA ASP C 333 26.42 3.00 -1.83
C ASP C 333 24.94 2.89 -1.42
N ILE C 334 24.50 3.69 -0.47
CA ILE C 334 23.11 3.60 0.05
C ILE C 334 22.15 3.90 -1.09
N TRP C 335 22.33 5.00 -1.82
CA TRP C 335 21.37 5.30 -2.91
C TRP C 335 21.56 4.36 -4.09
N ALA C 336 22.76 3.78 -4.29
CA ALA C 336 22.96 2.78 -5.37
C ALA C 336 22.07 1.58 -5.06
N ARG C 337 22.07 1.14 -3.82
CA ARG C 337 21.25 -0.04 -3.41
C ARG C 337 19.77 0.25 -3.66
N GLU C 338 19.33 1.42 -3.23
CA GLU C 338 17.91 1.86 -3.35
C GLU C 338 17.57 1.86 -4.84
N ALA C 339 18.51 2.16 -5.74
CA ALA C 339 18.22 2.27 -7.17
C ALA C 339 17.99 0.88 -7.78
N MET C 340 18.46 -0.20 -7.15
CA MET C 340 18.33 -1.58 -7.71
C MET C 340 17.00 -2.21 -7.30
N VAL C 341 16.31 -1.62 -6.32
CA VAL C 341 15.10 -2.22 -5.72
C VAL C 341 14.06 -2.55 -6.79
N ASP C 342 13.73 -1.58 -7.62
CA ASP C 342 12.60 -1.80 -8.56
C ASP C 342 12.83 -3.00 -9.47
N PHE C 343 14.02 -3.16 -10.04
CA PHE C 343 14.29 -4.24 -11.03
C PHE C 343 14.23 -5.62 -10.38
N TYR C 344 14.57 -5.72 -9.10
CA TYR C 344 14.62 -6.98 -8.37
C TYR C 344 13.34 -7.23 -7.54
N ALA C 345 12.39 -6.28 -7.47
CA ALA C 345 11.24 -6.33 -6.53
C ALA C 345 10.28 -7.49 -6.85
N ASP C 346 10.13 -7.81 -8.12
CA ASP C 346 9.20 -8.84 -8.63
C ASP C 346 9.97 -10.15 -8.82
N ASP C 347 11.23 -10.22 -8.36
CA ASP C 347 12.17 -11.33 -8.55
C ASP C 347 12.58 -11.51 -10.02
N LYS C 348 12.18 -10.64 -10.96
CA LYS C 348 12.47 -10.85 -12.41
C LYS C 348 13.89 -10.40 -12.70
N GLY C 349 14.46 -9.47 -11.91
CA GLY C 349 15.78 -8.92 -12.26
C GLY C 349 16.83 -10.02 -12.25
N TRP C 350 16.66 -11.04 -11.41
CA TRP C 350 17.60 -12.18 -11.28
C TRP C 350 17.73 -12.90 -12.64
N VAL C 351 16.68 -12.84 -13.44
CA VAL C 351 16.60 -13.46 -14.79
C VAL C 351 16.94 -12.45 -15.88
N ASN C 352 16.56 -11.18 -15.73
CA ASN C 352 16.62 -10.18 -16.82
C ASN C 352 17.91 -9.36 -16.78
N GLU C 353 18.66 -9.42 -15.69
CA GLU C 353 19.97 -8.70 -15.65
C GLU C 353 20.85 -9.20 -16.80
N ILE C 354 21.75 -8.35 -17.27
CA ILE C 354 22.82 -8.75 -18.24
C ILE C 354 24.16 -8.44 -17.56
N LEU C 355 24.81 -9.48 -17.08
CA LEU C 355 26.08 -9.36 -16.34
C LEU C 355 27.24 -9.17 -17.32
N PHE C 356 28.31 -8.56 -16.84
CA PHE C 356 29.57 -8.48 -17.62
C PHE C 356 30.72 -9.03 -16.79
N GLU C 357 31.92 -8.89 -17.33
CA GLU C 357 33.09 -9.70 -16.88
C GLU C 357 33.36 -9.50 -15.38
N SER C 358 33.38 -8.26 -14.84
CA SER C 358 33.69 -8.07 -13.39
C SER C 358 32.61 -8.69 -12.49
N ASP C 359 31.45 -9.03 -13.03
CA ASP C 359 30.37 -9.68 -12.24
C ASP C 359 30.76 -11.11 -11.88
N GLU C 360 31.91 -11.62 -12.34
N GLU C 360 31.90 -11.60 -12.38
CA GLU C 360 32.33 -12.99 -11.95
CA GLU C 360 32.39 -12.95 -11.98
C GLU C 360 32.55 -13.00 -10.43
C GLU C 360 32.46 -12.97 -10.44
N ALA C 361 32.89 -11.88 -9.81
CA ALA C 361 33.03 -11.82 -8.35
C ALA C 361 31.65 -12.06 -7.72
N ILE C 362 30.64 -11.38 -8.25
CA ILE C 362 29.24 -11.49 -7.74
C ILE C 362 28.72 -12.92 -7.99
N VAL C 363 28.97 -13.47 -9.15
CA VAL C 363 28.52 -14.87 -9.42
C VAL C 363 29.20 -15.85 -8.46
N ALA C 364 30.49 -15.71 -8.19
CA ALA C 364 31.21 -16.57 -7.21
C ALA C 364 30.57 -16.46 -5.83
N TRP C 365 30.20 -15.25 -5.38
CA TRP C 365 29.47 -15.08 -4.12
C TRP C 365 28.10 -15.75 -4.15
N ARG C 366 27.34 -15.63 -5.25
CA ARG C 366 25.99 -16.24 -5.28
C ARG C 366 26.08 -17.76 -5.23
N LYS C 367 27.13 -18.30 -5.86
CA LYS C 367 27.38 -19.77 -5.82
C LYS C 367 27.81 -20.19 -4.41
N LEU C 368 28.76 -19.46 -3.80
CA LEU C 368 29.27 -19.78 -2.45
C LEU C 368 28.07 -19.70 -1.48
N ALA C 369 27.26 -18.65 -1.57
CA ALA C 369 26.13 -18.44 -0.65
C ALA C 369 25.12 -19.58 -0.82
N SER C 370 24.88 -19.98 -2.07
CA SER C 370 23.92 -21.08 -2.39
C SER C 370 24.42 -22.39 -1.77
N GLU C 371 25.72 -22.65 -1.83
CA GLU C 371 26.30 -23.96 -1.41
CA GLU C 371 26.29 -23.96 -1.40
C GLU C 371 26.45 -24.00 0.12
N HIS C 372 26.87 -22.90 0.75
CA HIS C 372 27.45 -22.98 2.11
C HIS C 372 26.55 -22.31 3.17
N ASN C 373 25.40 -21.77 2.78
CA ASN C 373 24.50 -21.13 3.77
C ASN C 373 24.07 -22.22 4.75
N GLN C 374 23.67 -21.85 5.97
CA GLN C 374 23.22 -22.82 7.00
C GLN C 374 21.68 -22.93 7.02
N GLY C 375 20.97 -22.41 6.04
CA GLY C 375 19.51 -22.53 6.01
C GLY C 375 18.86 -21.34 5.34
N ILE C 376 17.77 -21.57 4.63
CA ILE C 376 16.97 -20.50 3.95
C ILE C 376 15.84 -20.11 4.90
N GLN C 377 15.83 -18.86 5.38
CA GLN C 377 14.71 -18.35 6.20
C GLN C 377 13.48 -18.26 5.31
N THR C 378 12.33 -18.75 5.77
CA THR C 378 11.08 -18.74 4.98
C THR C 378 9.96 -18.08 5.81
N GLN C 379 8.81 -17.81 5.19
CA GLN C 379 7.66 -17.21 5.90
C GLN C 379 7.15 -18.18 6.97
N ALA C 380 7.43 -19.47 6.84
CA ALA C 380 7.06 -20.51 7.83
C ALA C 380 7.82 -20.25 9.13
N HIS C 381 9.12 -19.90 9.03
CA HIS C 381 9.92 -19.49 10.22
C HIS C 381 9.32 -18.22 10.81
N VAL C 382 8.90 -17.27 9.97
CA VAL C 382 8.45 -15.95 10.45
C VAL C 382 7.07 -16.14 11.09
N SER C 383 6.17 -16.91 10.45
CA SER C 383 4.75 -17.02 10.85
C SER C 383 4.47 -18.22 11.77
N GLY C 384 4.64 -19.47 11.30
CA GLY C 384 4.57 -20.68 12.16
C GLY C 384 3.90 -21.88 11.49
FE1 FES D . -24.82 8.00 -11.78
FE2 FES D . -24.28 8.02 -14.43
S1 FES D . -26.12 8.77 -13.39
S2 FES D . -22.94 7.29 -12.79
FE FE2 E . -11.64 -4.35 28.29
MG MG F . -37.67 1.22 1.72
C1 PEG G . -14.53 -5.70 33.25
O1 PEG G . -14.84 -6.88 33.99
C2 PEG G . -15.44 -5.49 32.07
O2 PEG G . -15.22 -4.18 31.53
C3 PEG G . -16.34 -3.65 30.80
C4 PEG G . -15.90 -2.74 29.64
O4 PEG G . -16.01 -3.41 28.38
C1 PGE H . -22.36 10.91 11.60
O1 PGE H . -21.43 11.68 12.36
C2 PGE H . -21.71 10.12 10.50
O2 PGE H . -21.21 10.99 9.47
C3 PGE H . -21.04 10.34 8.21
C4 PGE H . -20.50 11.30 7.17
O4 PGE H . -22.38 12.67 3.16
C6 PGE H . -22.02 13.22 4.45
C5 PGE H . -20.97 12.41 5.12
O3 PGE H . -21.50 11.66 6.21
O1 PG4 I . -13.08 0.67 -1.08
C1 PG4 I . -14.40 0.53 -1.63
C2 PG4 I . -14.97 1.82 -2.05
O2 PG4 I . -15.23 2.62 -0.90
C3 PG4 I . -14.71 3.93 -1.02
C4 PG4 I . -15.07 4.71 0.17
O3 PG4 I . -14.46 4.12 1.33
C5 PG4 I . -14.97 4.67 2.54
C6 PG4 I . -14.04 4.40 3.70
O4 PG4 I . -13.75 3.01 3.80
C7 PG4 I . -12.70 2.72 4.73
C8 PG4 I . -13.07 3.20 6.10
O5 PG4 I . -12.36 2.53 7.12
C1 PGE J . -42.64 0.80 -16.28
O1 PGE J . -42.91 -0.57 -16.56
C2 PGE J . -41.78 1.46 -17.33
O2 PGE J . -42.17 2.82 -17.52
C3 PGE J . -42.37 3.51 -16.29
C4 PGE J . -42.03 4.97 -16.44
O4 PGE J . -41.77 4.76 -11.58
C6 PGE J . -41.50 5.50 -12.78
C5 PGE J . -41.92 4.75 -14.02
O3 PGE J . -41.79 5.59 -15.18
O1 P6G K . -42.72 9.20 -0.52
C2 P6G K . -41.51 8.43 -0.60
C3 P6G K . -40.89 8.39 0.82
O4 P6G K . -39.79 9.28 1.05
C5 P6G K . -40.04 10.66 0.78
C6 P6G K . -41.24 11.28 1.53
O7 P6G K . -41.75 12.43 0.81
C8 P6G K . -42.76 12.06 -0.15
C9 P6G K . -43.53 13.20 -0.86
O10 P6G K . -44.94 12.86 -0.88
C11 P6G K . -45.35 11.74 -1.71
C12 P6G K . -46.28 10.71 -1.02
O13 P6G K . -45.58 9.87 -0.08
C14 P6G K . -46.14 8.59 0.26
C15 P6G K . -45.42 7.47 -0.51
O16 P6G K . -45.07 6.37 0.32
C17 P6G K . -45.53 5.08 -0.13
C18 P6G K . -44.79 3.91 0.57
O19 P6G K . -45.53 3.41 1.70
OH2 1PE L . -19.58 12.05 44.38
C12 1PE L . -19.79 13.40 43.97
C22 1PE L . -19.15 13.67 42.61
OH3 1PE L . -17.72 13.53 42.68
C13 1PE L . -15.77 13.24 41.26
C23 1PE L . -16.90 14.18 41.70
OH4 1PE L . -15.89 11.91 41.83
C14 1PE L . -15.93 9.44 41.37
C24 1PE L . -15.21 10.80 41.19
OH5 1PE L . -17.37 9.51 41.30
C15 1PE L . -19.55 8.25 41.50
C25 1PE L . -18.01 8.23 41.44
OH6 1PE L . -20.14 9.33 40.75
C16 1PE L . -22.04 10.86 40.94
C26 1PE L . -21.57 9.40 40.83
OH7 1PE L . -21.31 11.72 40.06
C CO3 M . -38.00 0.33 6.51
O1 CO3 M . -36.88 0.84 6.86
O2 CO3 M . -38.07 -0.77 5.75
O3 CO3 M . -39.11 1.01 6.79
O1 MXE N . -37.82 -5.54 18.44
C1 MXE N . -38.84 -4.68 17.96
C2 MXE N . -39.21 -4.92 16.51
O2 MXE N . -38.58 -3.91 15.73
C3 MXE N . -37.88 -4.17 14.56
C5 PG0 O . -39.75 15.63 13.69
O2 PG0 O . -39.84 15.22 12.32
C4 PG0 O . -40.96 15.60 11.54
C3 PG0 O . -40.48 16.28 10.28
O1 PG0 O . -39.87 17.52 10.61
C2 PG0 O . -39.14 18.12 9.55
C1 PG0 O . -38.07 19.00 10.13
OTT PG0 O . -37.89 20.19 9.36
FE1 FES P . 24.08 0.59 -15.37
FE2 FES P . 25.66 -1.25 -14.21
S1 FES P . 26.20 0.19 -15.79
S2 FES P . 23.53 -0.78 -13.74
FE FE2 Q . -16.69 17.21 -19.43
MG MG R . 16.81 6.49 -33.00
MG MG S . -26.86 31.66 -20.41
MG MG T . -12.30 35.98 -30.44
C1 PGE U . 8.23 0.81 -11.95
O1 PGE U . 7.38 0.99 -10.82
C2 PGE U . 9.47 1.61 -11.82
O2 PGE U . 9.14 2.99 -11.90
C3 PGE U . 9.85 3.80 -10.96
C4 PGE U . 9.65 5.23 -11.28
O4 PGE U . 5.59 6.54 -11.35
C6 PGE U . 6.70 7.39 -11.16
C5 PGE U . 7.96 6.83 -11.79
O3 PGE U . 8.26 5.54 -11.25
C1 PEG V . -23.42 20.83 -26.22
O1 PEG V . -22.77 19.57 -26.22
C2 PEG V . -24.38 20.95 -27.37
O2 PEG V . -24.99 22.24 -27.39
C3 PEG V . -26.41 22.23 -27.27
C4 PEG V . -27.09 22.86 -28.45
O4 PEG V . -28.42 23.24 -28.16
OH2 1PE W . -18.40 -15.85 -29.28
C12 1PE W . -17.39 -16.73 -29.77
C22 1PE W . -17.43 -18.09 -29.10
OH3 1PE W . -16.94 -18.07 -27.76
C13 1PE W . -16.79 -19.46 -25.72
C23 1PE W . -17.34 -19.30 -27.13
OH4 1PE W . -17.19 -18.29 -25.00
C14 1PE W . -18.69 -17.27 -23.49
C24 1PE W . -17.66 -18.40 -23.65
OH5 1PE W . -18.77 -16.69 -22.18
C15 1PE W . -20.22 -15.37 -20.67
C25 1PE W . -19.77 -15.64 -22.12
OH6 1PE W . -19.78 -16.37 -19.73
C16 1PE W . -20.54 -18.11 -18.25
C26 1PE W . -20.70 -16.65 -18.67
OH7 1PE W . -19.15 -18.44 -18.28
C1 PEG X . 2.31 25.47 -24.32
O1 PEG X . 1.49 24.99 -25.35
C2 PEG X . 1.51 25.94 -23.16
O2 PEG X . 0.81 27.14 -23.49
C3 PEG X . 1.63 28.30 -23.36
C4 PEG X . 0.84 29.45 -22.86
O4 PEG X . 1.35 30.69 -23.34
C1 PEG Y . -16.30 -2.59 -34.93
O1 PEG Y . -16.24 -3.35 -36.11
C2 PEG Y . -15.61 -1.26 -35.08
O2 PEG Y . -16.53 -0.17 -35.08
C3 PEG Y . -17.57 -0.30 -34.11
C4 PEG Y . -18.18 1.02 -33.81
O4 PEG Y . -19.61 1.02 -34.02
C CO3 Z . -4.88 17.26 -40.09
O1 CO3 Z . -4.51 18.14 -39.22
O2 CO3 Z . -6.06 17.31 -40.61
O3 CO3 Z . -4.07 16.35 -40.44
C5 PG0 AA . -20.52 19.90 -24.54
O2 PG0 AA . -19.42 19.86 -23.63
C4 PG0 AA . -18.23 20.01 -24.33
C3 PG0 AA . -17.09 20.00 -23.38
O1 PG0 AA . -15.86 20.28 -24.07
C2 PG0 AA . -14.76 20.52 -23.17
C1 PG0 AA . -14.40 19.29 -22.44
OTT PG0 AA . -13.84 18.26 -23.27
C5 PG0 BA . -25.17 -0.08 -27.33
O2 PG0 BA . -25.35 0.57 -26.06
C4 PG0 BA . -26.66 0.98 -25.70
C3 PG0 BA . -26.78 0.89 -24.21
O1 PG0 BA . -27.99 0.24 -23.82
C2 PG0 BA . -29.14 1.09 -23.75
C1 PG0 BA . -30.16 0.53 -22.79
OTT PG0 BA . -31.11 1.51 -22.33
FE1 FES CA . 0.08 -12.41 25.85
FE2 FES CA . -2.45 -13.16 26.18
S1 FES CA . -0.82 -13.19 27.68
S2 FES CA . -1.54 -12.33 24.34
FE FE2 DA . 30.86 1.20 -2.62
MG MG EA . 18.71 -18.84 26.81
C1 PEG FA . 6.72 -4.75 13.58
O1 PEG FA . 7.48 -4.41 12.46
C2 PEG FA . 5.53 -5.52 13.24
O2 PEG FA . 5.87 -6.72 12.56
C3 PEG FA . 4.69 -7.44 12.21
C4 PEG FA . 5.01 -8.84 11.99
O4 PEG FA . 6.01 -8.98 11.00
C1 PGE GA . 19.58 1.49 19.09
O1 PGE GA . 19.34 2.53 20.00
C2 PGE GA . 18.36 1.08 18.35
O2 PGE GA . 17.93 -0.19 18.83
C3 PGE GA . 16.89 -0.12 19.78
C4 PGE GA . 15.55 -0.31 19.11
O4 PGE GA . 12.00 -0.68 22.22
C6 PGE GA . 12.75 0.24 21.44
C5 PGE GA . 13.98 -0.39 20.91
O3 PGE GA . 14.53 0.37 19.83
C1 PEG HA . 30.52 2.64 18.24
O1 PEG HA . 31.16 1.37 18.16
C2 PEG HA . 29.11 2.55 17.75
O2 PEG HA . 28.23 3.42 18.46
C3 PEG HA . 27.71 4.48 17.65
C4 PEG HA . 26.93 5.43 18.48
O4 PEG HA . 25.68 4.91 18.85
OH2 1PE IA . 17.88 -16.58 36.47
C12 1PE IA . 17.55 -16.37 35.06
C22 1PE IA . 18.60 -15.48 34.35
OH3 1PE IA . 18.28 -14.09 34.06
C13 1PE IA . 18.87 -13.13 36.40
C23 1PE IA . 17.91 -13.31 35.20
OH4 1PE IA . 18.31 -13.83 37.54
C14 1PE IA . 17.76 -14.21 39.84
C24 1PE IA . 18.17 -13.15 38.78
OH5 1PE IA . 18.50 -15.43 39.67
C15 1PE IA . 18.89 -17.79 40.23
C25 1PE IA . 18.17 -16.48 40.58
OH6 1PE IA . 19.23 -17.79 38.84
C16 1PE IA . 20.47 -18.90 37.15
C26 1PE IA . 19.50 -19.07 38.31
OH7 1PE IA . 19.94 -19.59 36.04
C1 PEG JA . 1.31 -24.35 39.11
O1 PEG JA . 2.55 -24.48 39.76
C2 PEG JA . 0.86 -25.62 38.50
O2 PEG JA . -0.43 -25.45 37.94
C3 PEG JA . -1.30 -26.56 38.13
C4 PEG JA . -2.57 -26.08 38.76
O4 PEG JA . -3.13 -27.02 39.63
C1 PEG KA . 44.50 1.17 -6.63
O1 PEG KA . 45.08 1.03 -7.92
C2 PEG KA . 43.57 0.04 -6.32
O2 PEG KA . 42.37 0.50 -5.74
C3 PEG KA . 41.29 -0.40 -5.98
C4 PEG KA . 40.10 -0.06 -5.16
O4 PEG KA . 39.05 -0.98 -5.40
O1 MXE LA . 34.97 -6.25 23.91
C1 MXE LA . 34.66 -7.39 24.68
C2 MXE LA . 34.91 -8.67 23.94
O2 MXE LA . 35.15 -8.39 22.56
C3 MXE LA . 35.75 -9.47 21.82
C5 PG0 MA . 32.78 -0.94 1.22
O2 PG0 MA . 33.17 0.39 0.93
C4 PG0 MA . 34.47 0.74 1.38
C3 PG0 MA . 35.50 0.04 0.53
O1 PG0 MA . 35.54 0.55 -0.79
C2 PG0 MA . 36.07 -0.37 -1.73
C1 PG0 MA . 36.43 0.32 -2.99
OTT PG0 MA . 37.77 0.09 -3.38
#